data_6Y4S
#
_entry.id   6Y4S
#
_cell.length_a   113.150
_cell.length_b   113.150
_cell.length_c   326.140
_cell.angle_alpha   90.000
_cell.angle_beta   90.000
_cell.angle_gamma   120.000
#
_symmetry.space_group_name_H-M   'H 3 2'
#
loop_
_entity.id
_entity.type
_entity.pdbx_description
1 polymer Kallikrein-7
2 non-polymer 'TRIETHYLENE GLYCOL'
3 non-polymer 'SULFATE ION'
4 water water
#
_entity_poly.entity_id   1
_entity_poly.type   'polypeptide(L)'
_entity_poly.pdbx_seq_one_letter_code
;IIDGAPCARGSHPWQVALLSGNQLHCGGVLVNERWVLTAAHCKMNEYTVHLGSDTLGDRRAQRIKASKSFRHPGYSTQTH
VNDLMLVKLNSQARLSSMVKKVRLPSRCEPPGTTCTVSGWGTTTSPDVTFPSDLMCVDVKLISPQDCTKVYKDLLENSML
CAGIPDSKKNACNGDSGGPLVCRGTLQGLVSWGTFPCGQPNDPGVYTQVCKFTKWINDTMKKHR
;
_entity_poly.pdbx_strand_id   A,B,C
#
loop_
_chem_comp.id
_chem_comp.type
_chem_comp.name
_chem_comp.formula
PGE non-polymer 'TRIETHYLENE GLYCOL' 'C6 H14 O4'
SO4 non-polymer 'SULFATE ION' 'O4 S -2'
#
# COMPACT_ATOMS: atom_id res chain seq x y z
N ILE A 1 -19.32 -2.13 17.09
CA ILE A 1 -19.93 -0.85 17.45
C ILE A 1 -19.62 -0.46 18.90
N ILE A 2 -18.89 0.67 19.09
CA ILE A 2 -18.55 1.15 20.43
C ILE A 2 -19.53 2.23 20.88
N ASP A 3 -19.94 2.18 22.16
CA ASP A 3 -20.86 3.11 22.84
C ASP A 3 -22.26 3.14 22.16
N GLY A 4 -22.62 2.02 21.53
CA GLY A 4 -23.89 1.88 20.85
C GLY A 4 -24.98 1.25 21.69
N ALA A 5 -25.95 0.62 21.00
CA ALA A 5 -27.11 -0.06 21.57
C ALA A 5 -27.65 -1.03 20.52
N PRO A 6 -28.38 -2.12 20.88
CA PRO A 6 -28.94 -3.00 19.83
C PRO A 6 -29.88 -2.24 18.89
N CYS A 7 -29.85 -2.56 17.59
CA CYS A 7 -30.73 -1.91 16.62
C CYS A 7 -32.15 -2.31 16.90
N ALA A 8 -33.11 -1.42 16.59
CA ALA A 8 -34.52 -1.74 16.76
C ALA A 8 -34.85 -2.84 15.76
N ARG A 9 -35.60 -3.87 16.22
CA ARG A 9 -35.97 -5.04 15.42
C ARG A 9 -36.52 -4.66 14.04
N GLY A 10 -35.93 -5.23 12.98
CA GLY A 10 -36.37 -5.08 11.61
C GLY A 10 -36.14 -3.73 10.94
N SER A 11 -35.27 -2.89 11.52
CA SER A 11 -34.96 -1.57 10.99
C SER A 11 -33.75 -1.56 10.04
N HIS A 12 -33.05 -2.70 9.88
CA HIS A 12 -31.89 -2.84 9.01
C HIS A 12 -32.04 -4.06 8.07
N PRO A 13 -33.13 -4.16 7.25
CA PRO A 13 -33.30 -5.34 6.38
C PRO A 13 -32.31 -5.48 5.23
N TRP A 14 -31.53 -4.43 4.97
CA TRP A 14 -30.52 -4.36 3.92
C TRP A 14 -29.14 -4.72 4.44
N GLN A 15 -29.01 -4.88 5.78
CA GLN A 15 -27.75 -5.26 6.42
C GLN A 15 -27.52 -6.77 6.25
N VAL A 16 -26.30 -7.15 5.86
CA VAL A 16 -25.89 -8.54 5.70
C VAL A 16 -24.59 -8.76 6.47
N ALA A 17 -24.25 -10.04 6.69
CA ALA A 17 -23.00 -10.47 7.33
C ALA A 17 -22.27 -11.43 6.39
N LEU A 18 -20.95 -11.24 6.27
CA LEU A 18 -20.08 -12.09 5.46
C LEU A 18 -19.31 -12.97 6.43
N LEU A 19 -19.47 -14.30 6.31
CA LEU A 19 -18.83 -15.26 7.23
C LEU A 19 -17.85 -16.16 6.52
N SER A 20 -16.76 -16.53 7.22
CA SER A 20 -15.75 -17.48 6.79
C SER A 20 -15.67 -18.56 7.88
N GLY A 21 -16.08 -19.78 7.55
CA GLY A 21 -16.09 -20.89 8.52
C GLY A 21 -16.98 -20.63 9.72
N ASN A 22 -18.16 -20.04 9.46
CA ASN A 22 -19.24 -19.66 10.39
C ASN A 22 -18.84 -18.56 11.39
N GLN A 23 -17.68 -17.93 11.14
CA GLN A 23 -17.13 -16.83 11.92
C GLN A 23 -17.34 -15.53 11.13
N LEU A 24 -17.78 -14.46 11.84
CA LEU A 24 -17.99 -13.14 11.26
C LEU A 24 -16.69 -12.60 10.67
N HIS A 25 -16.73 -12.21 9.40
CA HIS A 25 -15.59 -11.65 8.71
C HIS A 25 -15.81 -10.15 8.50
N CYS A 26 -16.97 -9.78 7.94
CA CYS A 26 -17.31 -8.42 7.60
C CYS A 26 -18.82 -8.20 7.60
N GLY A 27 -19.21 -6.94 7.58
CA GLY A 27 -20.59 -6.50 7.39
C GLY A 27 -20.79 -6.28 5.89
N GLY A 28 -21.95 -5.78 5.51
CA GLY A 28 -22.27 -5.49 4.12
C GLY A 28 -23.68 -5.00 3.93
N VAL A 29 -24.02 -4.65 2.68
CA VAL A 29 -25.35 -4.16 2.31
C VAL A 29 -25.85 -4.89 1.08
N LEU A 30 -27.16 -5.17 1.05
CA LEU A 30 -27.78 -5.81 -0.10
C LEU A 30 -28.23 -4.72 -1.07
N VAL A 31 -27.66 -4.72 -2.29
CA VAL A 31 -27.97 -3.74 -3.34
C VAL A 31 -29.16 -4.24 -4.16
N ASN A 32 -29.17 -5.55 -4.45
CA ASN A 32 -30.28 -6.23 -5.12
C ASN A 32 -30.22 -7.72 -4.86
N GLU A 33 -31.17 -8.49 -5.42
CA GLU A 33 -31.31 -9.93 -5.23
C GLU A 33 -30.02 -10.74 -5.50
N ARG A 34 -29.11 -10.25 -6.38
CA ARG A 34 -27.87 -10.95 -6.70
C ARG A 34 -26.59 -10.31 -6.13
N TRP A 35 -26.67 -9.08 -5.61
CA TRP A 35 -25.46 -8.40 -5.20
C TRP A 35 -25.47 -7.82 -3.81
N VAL A 36 -24.29 -7.93 -3.18
CA VAL A 36 -23.96 -7.38 -1.87
C VAL A 36 -22.78 -6.44 -2.07
N LEU A 37 -22.83 -5.26 -1.44
CA LEU A 37 -21.77 -4.25 -1.48
C LEU A 37 -21.08 -4.28 -0.11
N THR A 38 -19.75 -4.26 -0.12
CA THR A 38 -18.92 -4.31 1.08
C THR A 38 -17.56 -3.63 0.81
N ALA A 39 -16.62 -3.70 1.77
CA ALA A 39 -15.27 -3.15 1.61
C ALA A 39 -14.41 -4.14 0.82
N ALA A 40 -13.41 -3.63 0.11
CA ALA A 40 -12.50 -4.44 -0.67
C ALA A 40 -11.53 -5.22 0.22
N HIS A 41 -11.23 -4.71 1.43
CA HIS A 41 -10.33 -5.38 2.38
C HIS A 41 -10.96 -6.66 2.96
N CYS A 42 -12.27 -6.88 2.71
CA CYS A 42 -13.08 -8.03 3.11
C CYS A 42 -12.98 -9.18 2.09
N LYS A 43 -12.15 -9.01 1.04
CA LYS A 43 -11.95 -10.00 -0.03
C LYS A 43 -11.63 -11.39 0.49
N MET A 44 -12.33 -12.40 -0.06
CA MET A 44 -12.16 -13.84 0.17
C MET A 44 -12.50 -14.60 -1.12
N ASN A 45 -12.08 -15.85 -1.22
CA ASN A 45 -12.39 -16.67 -2.39
C ASN A 45 -13.86 -17.12 -2.35
N GLU A 46 -14.38 -17.42 -1.15
CA GLU A 46 -15.75 -17.85 -0.90
C GLU A 46 -16.32 -17.05 0.27
N TYR A 47 -17.67 -16.93 0.32
CA TYR A 47 -18.39 -16.21 1.36
C TYR A 47 -19.66 -16.95 1.75
N THR A 48 -20.05 -16.82 3.01
CA THR A 48 -21.35 -17.29 3.49
C THR A 48 -22.05 -15.99 3.85
N VAL A 49 -23.16 -15.71 3.19
CA VAL A 49 -23.88 -14.47 3.39
C VAL A 49 -25.10 -14.69 4.27
N HIS A 50 -25.13 -13.97 5.42
CA HIS A 50 -26.23 -14.00 6.37
C HIS A 50 -27.13 -12.80 6.02
N LEU A 51 -28.45 -13.01 5.91
CA LEU A 51 -29.44 -11.96 5.62
C LEU A 51 -30.72 -12.30 6.38
N GLY A 52 -31.57 -11.32 6.63
CA GLY A 52 -32.90 -11.53 7.23
C GLY A 52 -33.07 -11.68 8.72
N SER A 53 -32.06 -11.28 9.53
CA SER A 53 -32.14 -11.31 10.98
C SER A 53 -31.09 -10.46 11.66
N ASP A 54 -31.50 -9.80 12.77
CA ASP A 54 -30.63 -8.98 13.62
C ASP A 54 -29.71 -9.87 14.48
N THR A 55 -30.08 -11.14 14.64
CA THR A 55 -29.33 -12.14 15.42
C THR A 55 -28.61 -13.10 14.49
N LEU A 56 -27.28 -13.21 14.65
CA LEU A 56 -26.48 -14.13 13.84
C LEU A 56 -26.78 -15.56 14.26
N GLY A 57 -26.91 -16.45 13.28
CA GLY A 57 -27.17 -17.87 13.54
C GLY A 57 -28.64 -18.24 13.63
N ASP A 58 -29.54 -17.22 13.60
CA ASP A 58 -31.00 -17.38 13.64
C ASP A 58 -31.42 -18.29 12.46
N ARG A 59 -32.18 -19.34 12.79
CA ARG A 59 -32.67 -20.34 11.84
C ARG A 59 -33.57 -19.70 10.78
N ARG A 60 -34.27 -18.60 11.13
CA ARG A 60 -35.19 -17.85 10.26
C ARG A 60 -34.44 -17.01 9.21
N ALA A 61 -33.16 -16.72 9.46
CA ALA A 61 -32.27 -15.98 8.57
C ALA A 61 -31.98 -16.78 7.30
N GLN A 62 -31.52 -16.08 6.26
CA GLN A 62 -31.16 -16.63 4.98
C GLN A 62 -29.66 -16.78 4.93
N ARG A 63 -29.17 -17.89 4.36
CA ARG A 63 -27.75 -18.18 4.25
C ARG A 63 -27.45 -18.54 2.80
N ILE A 64 -26.69 -17.68 2.12
CA ILE A 64 -26.38 -17.85 0.69
C ILE A 64 -24.88 -17.87 0.47
N LYS A 65 -24.41 -18.83 -0.32
CA LYS A 65 -23.00 -18.94 -0.71
C LYS A 65 -22.75 -17.92 -1.82
N ALA A 66 -21.56 -17.33 -1.83
CA ALA A 66 -21.12 -16.35 -2.81
C ALA A 66 -19.72 -16.75 -3.24
N SER A 67 -19.58 -17.21 -4.49
CA SER A 67 -18.33 -17.72 -5.05
C SER A 67 -17.53 -16.75 -5.92
N LYS A 68 -18.10 -15.56 -6.21
CA LYS A 68 -17.43 -14.53 -7.01
C LYS A 68 -17.56 -13.16 -6.38
N SER A 69 -16.46 -12.37 -6.43
CA SER A 69 -16.39 -11.00 -5.90
C SER A 69 -15.49 -10.14 -6.75
N PHE A 70 -15.85 -8.86 -6.89
CA PHE A 70 -15.15 -7.91 -7.77
C PHE A 70 -14.81 -6.63 -7.02
N ARG A 71 -13.50 -6.40 -6.80
CA ARG A 71 -13.00 -5.21 -6.11
C ARG A 71 -12.83 -4.06 -7.09
N HIS A 72 -12.94 -2.82 -6.57
CA HIS A 72 -12.73 -1.62 -7.38
C HIS A 72 -11.29 -1.66 -7.96
N PRO A 73 -11.13 -1.42 -9.28
CA PRO A 73 -9.79 -1.54 -9.89
C PRO A 73 -8.72 -0.63 -9.27
N GLY A 74 -9.18 0.46 -8.66
CA GLY A 74 -8.33 1.44 -7.99
C GLY A 74 -8.04 1.14 -6.54
N TYR A 75 -8.51 -0.02 -6.03
CA TYR A 75 -8.27 -0.39 -4.63
C TYR A 75 -6.81 -0.65 -4.33
N SER A 76 -6.31 -0.03 -3.25
CA SER A 76 -4.94 -0.18 -2.79
C SER A 76 -4.93 -0.78 -1.38
N THR A 77 -4.20 -1.89 -1.22
CA THR A 77 -4.04 -2.60 0.06
C THR A 77 -3.20 -1.76 1.03
N GLN A 78 -2.29 -0.90 0.50
CA GLN A 78 -1.40 -0.05 1.27
C GLN A 78 -2.02 1.26 1.78
N THR A 79 -2.78 1.98 0.93
CA THR A 79 -3.38 3.26 1.32
C THR A 79 -4.90 3.19 1.62
N HIS A 80 -5.56 2.05 1.28
CA HIS A 80 -6.98 1.77 1.48
C HIS A 80 -7.91 2.72 0.70
N VAL A 81 -7.42 3.25 -0.43
CA VAL A 81 -8.23 4.10 -1.33
C VAL A 81 -9.12 3.15 -2.13
N ASN A 82 -10.35 3.59 -2.47
CA ASN A 82 -11.33 2.82 -3.26
C ASN A 82 -11.65 1.50 -2.57
N ASP A 83 -11.96 1.58 -1.27
CA ASP A 83 -12.25 0.40 -0.46
C ASP A 83 -13.71 -0.03 -0.59
N LEU A 84 -14.04 -0.62 -1.75
CA LEU A 84 -15.35 -1.17 -2.02
C LEU A 84 -15.25 -2.38 -2.97
N MET A 85 -16.19 -3.32 -2.79
CA MET A 85 -16.23 -4.57 -3.53
C MET A 85 -17.67 -5.05 -3.66
N LEU A 86 -17.97 -5.63 -4.83
CA LEU A 86 -19.28 -6.21 -5.12
C LEU A 86 -19.15 -7.70 -5.00
N VAL A 87 -20.04 -8.29 -4.21
CA VAL A 87 -20.10 -9.72 -3.94
C VAL A 87 -21.34 -10.27 -4.65
N LYS A 88 -21.13 -11.24 -5.56
CA LYS A 88 -22.18 -11.90 -6.33
C LYS A 88 -22.68 -13.18 -5.64
N LEU A 89 -23.95 -13.17 -5.20
CA LEU A 89 -24.61 -14.31 -4.54
C LEU A 89 -24.85 -15.42 -5.56
N ASN A 90 -24.59 -16.70 -5.18
CA ASN A 90 -24.76 -17.86 -6.07
C ASN A 90 -26.22 -18.14 -6.44
N SER A 91 -27.16 -17.61 -5.63
CA SER A 91 -28.61 -17.68 -5.83
C SER A 91 -29.24 -16.39 -5.31
N GLN A 92 -30.41 -16.03 -5.83
CA GLN A 92 -31.13 -14.81 -5.46
C GLN A 92 -31.58 -14.75 -4.01
N ALA A 93 -31.35 -13.59 -3.36
CA ALA A 93 -31.81 -13.31 -2.01
C ALA A 93 -33.31 -13.08 -2.07
N ARG A 94 -34.05 -13.70 -1.16
CA ARG A 94 -35.51 -13.55 -1.19
C ARG A 94 -35.96 -12.36 -0.36
N LEU A 95 -36.52 -11.38 -1.06
CA LEU A 95 -37.00 -10.16 -0.45
C LEU A 95 -38.20 -10.45 0.44
N SER A 96 -38.14 -9.95 1.67
CA SER A 96 -39.19 -10.15 2.67
C SER A 96 -39.32 -8.92 3.57
N SER A 97 -40.01 -9.08 4.73
CA SER A 97 -40.15 -8.00 5.72
C SER A 97 -38.82 -7.78 6.48
N MET A 98 -37.91 -8.76 6.37
CA MET A 98 -36.58 -8.73 7.01
C MET A 98 -35.43 -8.64 6.02
N VAL A 99 -35.73 -8.74 4.71
CA VAL A 99 -34.73 -8.65 3.62
C VAL A 99 -35.22 -7.63 2.59
N LYS A 100 -34.52 -6.48 2.47
CA LYS A 100 -34.85 -5.40 1.54
C LYS A 100 -33.59 -4.82 0.89
N LYS A 101 -33.73 -4.24 -0.32
CA LYS A 101 -32.62 -3.61 -1.04
C LYS A 101 -32.35 -2.26 -0.41
N VAL A 102 -31.06 -1.89 -0.27
CA VAL A 102 -30.65 -0.58 0.24
C VAL A 102 -30.91 0.48 -0.87
N ARG A 103 -31.21 1.71 -0.44
CA ARG A 103 -31.40 2.80 -1.36
C ARG A 103 -30.03 3.43 -1.56
N LEU A 104 -29.50 3.29 -2.78
CA LEU A 104 -28.20 3.85 -3.17
C LEU A 104 -28.37 5.37 -3.32
N PRO A 105 -27.35 6.19 -3.02
CA PRO A 105 -27.56 7.64 -3.08
C PRO A 105 -27.53 8.25 -4.48
N SER A 106 -28.11 9.44 -4.63
CA SER A 106 -28.04 10.23 -5.85
C SER A 106 -27.17 11.46 -5.56
N ARG A 107 -27.09 11.87 -4.28
CA ARG A 107 -26.31 13.01 -3.79
C ARG A 107 -25.45 12.64 -2.58
N CYS A 108 -24.46 13.49 -2.27
CA CYS A 108 -23.56 13.36 -1.14
C CYS A 108 -24.09 14.23 0.00
N GLU A 109 -24.37 13.63 1.16
CA GLU A 109 -24.88 14.36 2.32
C GLU A 109 -23.83 15.31 2.89
N PRO A 110 -24.21 16.55 3.25
CA PRO A 110 -23.21 17.51 3.74
C PRO A 110 -22.71 17.21 5.16
N PRO A 111 -21.59 17.87 5.60
CA PRO A 111 -21.14 17.67 6.99
C PRO A 111 -22.20 18.15 7.98
N GLY A 112 -22.28 17.48 9.13
CA GLY A 112 -23.28 17.78 10.16
C GLY A 112 -24.53 16.94 10.08
N THR A 113 -24.68 16.12 9.00
CA THR A 113 -25.84 15.24 8.82
C THR A 113 -25.73 14.06 9.79
N THR A 114 -26.85 13.75 10.49
CA THR A 114 -26.95 12.63 11.43
C THR A 114 -27.18 11.36 10.62
N CYS A 115 -26.37 10.34 10.91
CA CYS A 115 -26.38 9.05 10.24
C CYS A 115 -26.39 7.93 11.28
N THR A 116 -26.59 6.69 10.82
CA THR A 116 -26.51 5.51 11.66
C THR A 116 -25.56 4.49 11.02
N VAL A 117 -24.66 3.94 11.84
CA VAL A 117 -23.75 2.88 11.43
C VAL A 117 -24.15 1.63 12.23
N SER A 118 -24.14 0.45 11.57
CA SER A 118 -24.54 -0.79 12.21
C SER A 118 -23.57 -1.97 11.97
N GLY A 119 -23.61 -2.97 12.86
CA GLY A 119 -22.76 -4.14 12.72
C GLY A 119 -22.73 -5.10 13.88
N TRP A 120 -22.08 -6.27 13.63
CA TRP A 120 -21.91 -7.35 14.61
C TRP A 120 -20.45 -7.40 15.12
N GLY A 121 -19.70 -6.33 14.90
CA GLY A 121 -18.31 -6.24 15.35
C GLY A 121 -18.21 -6.04 16.83
N THR A 122 -16.99 -6.10 17.38
CA THR A 122 -16.75 -5.98 18.82
C THR A 122 -17.40 -4.69 19.40
N THR A 123 -18.04 -4.85 20.56
CA THR A 123 -18.71 -3.79 21.31
C THR A 123 -17.75 -3.08 22.30
N THR A 124 -16.49 -3.57 22.40
CA THR A 124 -15.42 -3.04 23.27
C THR A 124 -14.09 -3.02 22.51
N SER A 125 -13.13 -2.20 22.99
CA SER A 125 -11.79 -2.08 22.40
C SER A 125 -10.81 -1.52 23.45
N PRO A 126 -9.59 -2.08 23.59
CA PRO A 126 -8.98 -3.19 22.82
C PRO A 126 -9.55 -4.58 23.12
N ASP A 127 -10.24 -4.76 24.28
CA ASP A 127 -10.90 -6.00 24.71
C ASP A 127 -11.96 -6.46 23.69
N VAL A 128 -12.02 -7.75 23.36
CA VAL A 128 -12.95 -8.27 22.34
C VAL A 128 -14.27 -8.73 22.95
N THR A 129 -15.41 -8.23 22.43
CA THR A 129 -16.75 -8.62 22.88
C THR A 129 -17.67 -8.68 21.67
N PHE A 130 -17.78 -9.87 21.04
CA PHE A 130 -18.64 -10.06 19.87
C PHE A 130 -20.12 -10.28 20.22
N PRO A 131 -21.04 -9.37 19.80
CA PRO A 131 -22.46 -9.58 20.10
C PRO A 131 -23.17 -10.52 19.12
N SER A 132 -24.29 -11.09 19.54
CA SER A 132 -25.09 -11.98 18.68
C SER A 132 -26.10 -11.13 17.95
N ASP A 133 -26.57 -10.03 18.60
CA ASP A 133 -27.51 -9.06 18.05
C ASP A 133 -26.83 -7.88 17.37
N LEU A 134 -27.47 -7.36 16.32
CA LEU A 134 -26.97 -6.24 15.53
C LEU A 134 -26.97 -4.94 16.36
N MET A 135 -25.81 -4.26 16.41
CA MET A 135 -25.62 -3.02 17.19
C MET A 135 -25.67 -1.79 16.29
N CYS A 136 -26.20 -0.67 16.81
CA CYS A 136 -26.41 0.61 16.14
C CYS A 136 -25.80 1.74 16.92
N VAL A 137 -25.31 2.77 16.19
CA VAL A 137 -24.82 4.01 16.78
C VAL A 137 -25.02 5.18 15.81
N ASP A 138 -25.48 6.32 16.35
CA ASP A 138 -25.69 7.54 15.56
C ASP A 138 -24.46 8.40 15.58
N VAL A 139 -23.98 8.75 14.39
CA VAL A 139 -22.80 9.58 14.17
C VAL A 139 -23.15 10.73 13.21
N LYS A 140 -22.42 11.85 13.31
CA LYS A 140 -22.61 12.98 12.41
C LYS A 140 -21.43 13.03 11.42
N LEU A 141 -21.70 13.42 10.16
CA LEU A 141 -20.66 13.54 9.14
C LEU A 141 -19.74 14.70 9.46
N ILE A 142 -18.44 14.46 9.34
CA ILE A 142 -17.40 15.44 9.63
C ILE A 142 -16.77 15.88 8.32
N SER A 143 -16.70 17.22 8.11
CA SER A 143 -16.15 17.86 6.92
C SER A 143 -14.72 17.38 6.63
N PRO A 144 -14.32 17.25 5.34
CA PRO A 144 -12.94 16.84 5.04
C PRO A 144 -11.91 17.75 5.70
N GLN A 145 -12.22 19.07 5.84
CA GLN A 145 -11.33 20.06 6.47
C GLN A 145 -11.07 19.68 7.93
N ASP A 146 -12.13 19.30 8.69
CA ASP A 146 -12.01 18.92 10.09
C ASP A 146 -11.35 17.55 10.26
N CYS A 147 -11.67 16.59 9.35
CA CYS A 147 -11.11 15.24 9.38
C CYS A 147 -9.61 15.21 9.03
N THR A 148 -9.17 16.14 8.17
CA THR A 148 -7.77 16.29 7.76
C THR A 148 -6.90 16.73 8.95
N LYS A 149 -7.49 17.50 9.90
CA LYS A 149 -6.81 17.93 11.12
C LYS A 149 -6.41 16.68 11.96
N VAL A 150 -7.10 15.55 11.72
CA VAL A 150 -6.85 14.30 12.42
C VAL A 150 -5.96 13.33 11.60
N TYR A 151 -6.42 12.90 10.42
CA TYR A 151 -5.73 11.89 9.61
C TYR A 151 -4.79 12.42 8.50
N LYS A 152 -4.79 13.74 8.23
CA LYS A 152 -3.91 14.43 7.28
C LYS A 152 -3.84 13.78 5.87
N ASP A 153 -2.63 13.40 5.38
CA ASP A 153 -2.39 12.84 4.05
C ASP A 153 -3.07 11.46 3.78
N LEU A 154 -3.65 10.83 4.80
CA LEU A 154 -4.32 9.54 4.64
C LEU A 154 -5.64 9.61 3.88
N LEU A 155 -6.32 10.77 3.94
CA LEU A 155 -7.62 10.96 3.33
C LEU A 155 -7.62 11.31 1.85
N GLU A 156 -8.60 10.77 1.15
CA GLU A 156 -8.83 11.04 -0.27
C GLU A 156 -10.25 11.59 -0.40
N ASN A 157 -10.54 12.29 -1.51
CA ASN A 157 -11.86 12.89 -1.78
C ASN A 157 -13.03 11.87 -1.78
N SER A 158 -12.74 10.55 -1.94
CA SER A 158 -13.73 9.47 -1.93
C SER A 158 -13.89 8.79 -0.54
N MET A 159 -13.23 9.37 0.49
CA MET A 159 -13.36 8.88 1.88
C MET A 159 -14.26 9.85 2.66
N LEU A 160 -15.18 9.32 3.47
CA LEU A 160 -16.12 10.08 4.28
C LEU A 160 -15.84 9.81 5.77
N CYS A 161 -15.81 10.89 6.57
CA CYS A 161 -15.59 10.79 8.02
C CYS A 161 -16.87 11.01 8.80
N ALA A 162 -17.00 10.33 9.94
CA ALA A 162 -18.15 10.45 10.85
C ALA A 162 -17.76 10.19 12.30
N GLY A 163 -18.49 10.81 13.21
CA GLY A 163 -18.32 10.69 14.65
C GLY A 163 -19.17 11.67 15.44
N ILE A 164 -18.93 11.75 16.75
CA ILE A 164 -19.59 12.66 17.70
C ILE A 164 -18.47 13.34 18.52
N PRO A 165 -18.45 14.69 18.67
CA PRO A 165 -17.37 15.33 19.45
C PRO A 165 -17.26 14.83 20.89
N ASP A 166 -16.00 14.58 21.34
CA ASP A 166 -15.65 14.08 22.67
C ASP A 166 -16.40 12.80 23.04
N SER A 167 -16.64 11.92 22.05
CA SER A 167 -17.40 10.69 22.23
C SER A 167 -16.71 9.45 21.67
N LYS A 168 -16.96 8.30 22.32
CA LYS A 168 -16.45 6.98 21.95
C LYS A 168 -17.29 6.34 20.83
N LYS A 169 -18.52 6.86 20.55
CA LYS A 169 -19.45 6.36 19.53
C LYS A 169 -18.75 6.18 18.18
N ASN A 170 -18.59 4.90 17.73
CA ASN A 170 -17.87 4.53 16.51
C ASN A 170 -18.07 3.06 16.09
N ALA A 171 -17.51 2.69 14.92
CA ALA A 171 -17.49 1.34 14.38
C ALA A 171 -16.18 0.68 14.86
N CYS A 172 -16.06 -0.66 14.76
CA CYS A 172 -14.87 -1.41 15.17
C CYS A 172 -14.75 -2.72 14.37
N ASN A 173 -13.68 -3.52 14.65
CA ASN A 173 -13.36 -4.80 14.03
C ASN A 173 -14.57 -5.72 13.96
N GLY A 174 -14.94 -6.09 12.74
CA GLY A 174 -16.11 -6.93 12.44
C GLY A 174 -17.21 -6.15 11.74
N ASP A 175 -17.21 -4.81 11.90
CA ASP A 175 -18.18 -3.89 11.27
C ASP A 175 -17.79 -3.51 9.86
N SER A 176 -16.50 -3.70 9.50
CA SER A 176 -15.91 -3.42 8.18
C SER A 176 -16.83 -3.84 7.05
N GLY A 177 -17.03 -2.92 6.10
CA GLY A 177 -17.90 -3.12 4.95
C GLY A 177 -19.37 -2.87 5.21
N GLY A 178 -19.70 -2.54 6.46
CA GLY A 178 -21.07 -2.28 6.89
C GLY A 178 -21.62 -0.91 6.56
N PRO A 179 -22.96 -0.74 6.62
CA PRO A 179 -23.56 0.54 6.22
C PRO A 179 -23.53 1.73 7.18
N LEU A 180 -23.42 2.91 6.60
CA LEU A 180 -23.56 4.22 7.22
C LEU A 180 -24.70 4.82 6.40
N VAL A 181 -25.89 4.94 7.02
CA VAL A 181 -27.10 5.43 6.34
C VAL A 181 -27.51 6.78 6.89
N CYS A 182 -27.68 7.73 5.99
CA CYS A 182 -28.07 9.11 6.26
C CYS A 182 -29.27 9.46 5.42
N ARG A 183 -30.30 10.01 6.07
CA ARG A 183 -31.55 10.51 5.48
C ARG A 183 -32.16 9.58 4.43
N GLY A 184 -32.18 8.28 4.72
CA GLY A 184 -32.78 7.29 3.84
C GLY A 184 -31.88 6.66 2.81
N THR A 185 -30.64 7.17 2.63
CA THR A 185 -29.72 6.59 1.63
C THR A 185 -28.42 6.14 2.23
N LEU A 186 -27.78 5.13 1.58
CA LEU A 186 -26.48 4.59 1.95
C LEU A 186 -25.44 5.64 1.62
N GLN A 187 -24.78 6.17 2.63
CA GLN A 187 -23.75 7.17 2.37
C GLN A 187 -22.32 6.64 2.47
N GLY A 188 -22.13 5.61 3.29
CA GLY A 188 -20.80 5.02 3.49
C GLY A 188 -20.78 3.55 3.81
N LEU A 189 -19.56 2.97 3.67
CA LEU A 189 -19.21 1.59 4.00
C LEU A 189 -18.05 1.71 4.97
N VAL A 190 -18.10 1.00 6.13
CA VAL A 190 -17.03 1.01 7.15
C VAL A 190 -15.71 0.57 6.49
N SER A 191 -14.71 1.45 6.54
CA SER A 191 -13.42 1.16 5.92
C SER A 191 -12.32 1.00 6.95
N TRP A 192 -12.04 2.06 7.74
CA TRP A 192 -11.00 2.04 8.76
C TRP A 192 -11.23 3.07 9.84
N GLY A 193 -10.48 2.92 10.93
CA GLY A 193 -10.54 3.79 12.09
C GLY A 193 -9.35 3.55 12.96
N THR A 194 -9.43 3.98 14.23
CA THR A 194 -8.33 3.83 15.16
C THR A 194 -8.36 2.49 15.86
N PHE A 195 -7.21 2.12 16.42
CA PHE A 195 -7.05 0.95 17.26
C PHE A 195 -6.28 1.39 18.51
N PRO A 196 -6.88 1.31 19.72
CA PRO A 196 -8.26 0.86 20.01
C PRO A 196 -9.32 1.74 19.35
N CYS A 197 -10.48 1.14 19.04
CA CYS A 197 -11.63 1.83 18.47
C CYS A 197 -12.22 2.79 19.48
N GLY A 198 -13.04 3.71 18.99
CA GLY A 198 -13.80 4.66 19.80
C GLY A 198 -12.97 5.62 20.61
N GLN A 199 -11.90 6.16 20.00
CA GLN A 199 -11.06 7.15 20.68
C GLN A 199 -11.73 8.52 20.46
N PRO A 200 -12.08 9.27 21.54
CA PRO A 200 -12.75 10.56 21.35
C PRO A 200 -12.02 11.51 20.39
N ASN A 201 -12.80 12.15 19.50
CA ASN A 201 -12.36 13.12 18.49
C ASN A 201 -11.51 12.51 17.36
N ASP A 202 -11.49 11.16 17.27
CA ASP A 202 -10.82 10.41 16.20
C ASP A 202 -11.93 9.75 15.40
N PRO A 203 -12.36 10.35 14.27
CA PRO A 203 -13.50 9.79 13.52
C PRO A 203 -13.28 8.42 12.85
N GLY A 204 -14.39 7.83 12.41
CA GLY A 204 -14.39 6.60 11.64
C GLY A 204 -14.36 6.98 10.16
N VAL A 205 -13.56 6.26 9.37
CA VAL A 205 -13.41 6.52 7.94
C VAL A 205 -14.22 5.50 7.13
N TYR A 206 -15.01 6.01 6.18
CA TYR A 206 -15.92 5.26 5.34
C TYR A 206 -15.65 5.49 3.87
N THR A 207 -16.01 4.51 3.02
CA THR A 207 -15.93 4.69 1.56
C THR A 207 -17.19 5.51 1.21
N GLN A 208 -17.01 6.70 0.59
CA GLN A 208 -18.12 7.59 0.21
C GLN A 208 -18.83 7.00 -1.01
N VAL A 209 -19.96 6.31 -0.78
CA VAL A 209 -20.74 5.58 -1.79
C VAL A 209 -21.20 6.47 -2.97
N CYS A 210 -21.58 7.75 -2.71
CA CYS A 210 -22.06 8.71 -3.71
C CYS A 210 -21.03 8.98 -4.85
N LYS A 211 -19.75 8.59 -4.66
CA LYS A 211 -18.67 8.80 -5.64
C LYS A 211 -18.42 7.55 -6.52
N PHE A 212 -19.18 6.48 -6.30
CA PHE A 212 -18.95 5.19 -6.97
C PHE A 212 -20.19 4.56 -7.60
N THR A 213 -21.31 5.30 -7.70
CA THR A 213 -22.56 4.75 -8.19
C THR A 213 -22.47 4.28 -9.63
N LYS A 214 -21.63 4.93 -10.46
CA LYS A 214 -21.42 4.51 -11.86
C LYS A 214 -20.70 3.15 -11.89
N TRP A 215 -19.60 3.01 -11.12
CA TRP A 215 -18.86 1.75 -11.02
C TRP A 215 -19.75 0.61 -10.48
N ILE A 216 -20.56 0.89 -9.44
CA ILE A 216 -21.48 -0.09 -8.85
C ILE A 216 -22.43 -0.64 -9.92
N ASN A 217 -23.14 0.26 -10.64
CA ASN A 217 -24.10 -0.09 -11.69
C ASN A 217 -23.46 -0.75 -12.90
N ASP A 218 -22.28 -0.24 -13.33
CA ASP A 218 -21.51 -0.77 -14.45
C ASP A 218 -20.99 -2.20 -14.19
N THR A 219 -20.41 -2.44 -13.00
CA THR A 219 -19.85 -3.75 -12.60
C THR A 219 -20.95 -4.81 -12.49
N MET A 220 -22.10 -4.44 -11.93
CA MET A 220 -23.27 -5.31 -11.79
C MET A 220 -23.81 -5.71 -13.17
N LYS A 221 -23.82 -4.78 -14.13
CA LYS A 221 -24.28 -5.03 -15.49
C LYS A 221 -23.29 -5.94 -16.25
N LYS A 222 -21.98 -5.70 -16.08
CA LYS A 222 -20.91 -6.48 -16.71
C LYS A 222 -20.98 -7.98 -16.38
N HIS A 223 -21.35 -8.33 -15.13
CA HIS A 223 -21.44 -9.72 -14.67
C HIS A 223 -22.89 -10.14 -14.40
N ARG A 224 -23.45 -11.01 -15.29
CA ARG A 224 -24.82 -11.56 -15.30
C ARG A 224 -25.83 -10.55 -15.86
N ILE B 1 9.29 3.52 13.02
CA ILE B 1 9.79 3.84 14.36
C ILE B 1 9.36 5.28 14.73
N ILE B 2 8.56 5.46 15.79
CA ILE B 2 8.13 6.79 16.22
C ILE B 2 9.05 7.32 17.33
N ASP B 3 9.45 8.61 17.23
CA ASP B 3 10.30 9.35 18.18
C ASP B 3 11.70 8.75 18.32
N GLY B 4 12.22 8.20 17.22
CA GLY B 4 13.54 7.59 17.21
C GLY B 4 14.61 8.47 16.59
N ALA B 5 15.63 7.84 16.01
CA ALA B 5 16.77 8.50 15.33
C ALA B 5 17.41 7.44 14.41
N PRO B 6 18.14 7.82 13.33
CA PRO B 6 18.78 6.79 12.48
C PRO B 6 19.76 5.95 13.28
N CYS B 7 19.83 4.64 12.98
CA CYS B 7 20.76 3.73 13.69
C CYS B 7 22.16 4.08 13.28
N ALA B 8 23.13 3.85 14.16
CA ALA B 8 24.54 4.07 13.82
C ALA B 8 24.88 3.01 12.78
N ARG B 9 25.46 3.43 11.65
CA ARG B 9 25.78 2.54 10.51
C ARG B 9 26.67 1.35 10.92
N GLY B 10 26.18 0.14 10.62
CA GLY B 10 26.84 -1.13 10.89
C GLY B 10 26.55 -1.78 12.22
N SER B 11 25.62 -1.22 13.02
CA SER B 11 25.29 -1.70 14.36
C SER B 11 24.11 -2.72 14.38
N HIS B 12 23.47 -2.96 13.23
CA HIS B 12 22.34 -3.90 13.08
C HIS B 12 22.59 -4.86 11.87
N PRO B 13 23.73 -5.63 11.84
CA PRO B 13 23.98 -6.51 10.67
C PRO B 13 23.05 -7.72 10.53
N TRP B 14 22.26 -7.99 11.58
CA TRP B 14 21.29 -9.09 11.62
C TRP B 14 19.90 -8.63 11.19
N GLN B 15 19.71 -7.31 11.00
CA GLN B 15 18.44 -6.74 10.55
C GLN B 15 18.29 -6.97 9.04
N VAL B 16 17.10 -7.43 8.63
CA VAL B 16 16.76 -7.64 7.22
C VAL B 16 15.43 -6.94 6.92
N ALA B 17 15.13 -6.77 5.62
CA ALA B 17 13.87 -6.22 5.13
C ALA B 17 13.25 -7.21 4.17
N LEU B 18 11.92 -7.41 4.30
CA LEU B 18 11.14 -8.27 3.42
C LEU B 18 10.36 -7.36 2.49
N LEU B 19 10.60 -7.49 1.17
CA LEU B 19 9.95 -6.64 0.16
C LEU B 19 9.05 -7.41 -0.77
N SER B 20 7.96 -6.76 -1.19
CA SER B 20 7.02 -7.27 -2.19
C SER B 20 6.96 -6.21 -3.30
N GLY B 21 7.45 -6.53 -4.49
CA GLY B 21 7.47 -5.59 -5.61
C GLY B 21 8.29 -4.34 -5.34
N ASN B 22 9.46 -4.54 -4.67
CA ASN B 22 10.47 -3.55 -4.28
C ASN B 22 9.97 -2.55 -3.22
N GLN B 23 8.78 -2.82 -2.64
CA GLN B 23 8.14 -2.05 -1.59
C GLN B 23 8.32 -2.81 -0.26
N LEU B 24 8.65 -2.06 0.82
CA LEU B 24 8.81 -2.62 2.17
C LEU B 24 7.51 -3.27 2.64
N HIS B 25 7.60 -4.52 3.06
CA HIS B 25 6.46 -5.26 3.58
C HIS B 25 6.61 -5.44 5.08
N CYS B 26 7.78 -5.91 5.51
CA CYS B 26 8.08 -6.22 6.91
C CYS B 26 9.58 -6.14 7.18
N GLY B 27 9.90 -6.10 8.46
CA GLY B 27 11.26 -6.21 8.97
C GLY B 27 11.53 -7.68 9.23
N GLY B 28 12.69 -7.98 9.78
CA GLY B 28 13.08 -9.35 10.12
C GLY B 28 14.47 -9.44 10.67
N VAL B 29 14.87 -10.66 11.07
CA VAL B 29 16.19 -10.95 11.61
C VAL B 29 16.79 -12.16 10.93
N LEU B 30 18.11 -12.14 10.70
CA LEU B 30 18.82 -13.25 10.12
C LEU B 30 19.27 -14.18 11.25
N VAL B 31 18.80 -15.44 11.22
CA VAL B 31 19.13 -16.43 12.23
C VAL B 31 20.41 -17.13 11.79
N ASN B 32 20.48 -17.52 10.52
CA ASN B 32 21.64 -18.13 9.90
C ASN B 32 21.62 -17.90 8.39
N GLU B 33 22.63 -18.41 7.67
CA GLU B 33 22.81 -18.25 6.21
C GLU B 33 21.57 -18.61 5.39
N ARG B 34 20.73 -19.52 5.88
CA ARG B 34 19.55 -20.00 5.17
C ARG B 34 18.20 -19.48 5.72
N TRP B 35 18.18 -18.89 6.93
CA TRP B 35 16.92 -18.52 7.56
C TRP B 35 16.81 -17.12 8.11
N VAL B 36 15.61 -16.56 7.95
CA VAL B 36 15.19 -15.26 8.44
C VAL B 36 13.98 -15.51 9.34
N LEU B 37 13.93 -14.83 10.49
CA LEU B 37 12.83 -14.91 11.45
C LEU B 37 12.07 -13.61 11.37
N THR B 38 10.72 -13.70 11.33
CA THR B 38 9.83 -12.56 11.22
C THR B 38 8.46 -12.89 11.82
N ALA B 39 7.47 -11.99 11.69
CA ALA B 39 6.11 -12.23 12.17
C ALA B 39 5.34 -13.08 11.15
N ALA B 40 4.36 -13.84 11.64
CA ALA B 40 3.53 -14.69 10.80
C ALA B 40 2.56 -13.88 9.94
N HIS B 41 2.15 -12.67 10.42
CA HIS B 41 1.24 -11.80 9.68
C HIS B 41 1.90 -11.19 8.42
N CYS B 42 3.23 -11.39 8.28
CA CYS B 42 4.08 -10.97 7.16
C CYS B 42 4.07 -12.00 6.02
N LYS B 43 3.29 -13.09 6.16
CA LYS B 43 3.20 -14.18 5.20
C LYS B 43 2.93 -13.71 3.78
N MET B 44 3.72 -14.25 2.82
CA MET B 44 3.60 -14.05 1.38
C MET B 44 4.05 -15.34 0.67
N ASN B 45 3.70 -15.47 -0.61
CA ASN B 45 4.11 -16.64 -1.38
C ASN B 45 5.58 -16.52 -1.77
N GLU B 46 6.05 -15.30 -2.06
CA GLU B 46 7.43 -14.98 -2.42
C GLU B 46 7.91 -13.75 -1.61
N TYR B 47 9.22 -13.64 -1.43
CA TYR B 47 9.85 -12.54 -0.68
C TYR B 47 11.13 -12.10 -1.37
N THR B 48 11.45 -10.81 -1.24
CA THR B 48 12.73 -10.26 -1.68
C THR B 48 13.36 -9.84 -0.37
N VAL B 49 14.49 -10.44 -0.03
CA VAL B 49 15.16 -10.17 1.24
C VAL B 49 16.32 -9.21 1.04
N HIS B 50 16.25 -8.07 1.75
CA HIS B 50 17.30 -7.06 1.76
C HIS B 50 18.17 -7.33 2.98
N LEU B 51 19.49 -7.42 2.78
CA LEU B 51 20.48 -7.68 3.83
C LEU B 51 21.72 -6.83 3.56
N GLY B 52 22.48 -6.51 4.61
CA GLY B 52 23.77 -5.82 4.45
C GLY B 52 23.84 -4.33 4.30
N SER B 53 22.79 -3.60 4.66
CA SER B 53 22.81 -2.13 4.63
C SER B 53 21.70 -1.51 5.44
N ASP B 54 22.00 -0.36 6.05
CA ASP B 54 21.05 0.43 6.81
C ASP B 54 20.14 1.23 5.88
N THR B 55 20.56 1.42 4.61
CA THR B 55 19.81 2.17 3.59
C THR B 55 19.14 1.19 2.61
N LEU B 56 17.80 1.22 2.53
CA LEU B 56 17.06 0.39 1.57
C LEU B 56 17.43 0.83 0.15
N GLY B 57 17.64 -0.12 -0.74
CA GLY B 57 17.99 0.19 -2.13
C GLY B 57 19.47 0.37 -2.39
N ASP B 58 20.32 0.31 -1.32
CA ASP B 58 21.77 0.43 -1.44
C ASP B 58 22.27 -0.63 -2.41
N ARG B 59 23.14 -0.21 -3.33
CA ARG B 59 23.75 -1.11 -4.32
C ARG B 59 24.65 -2.14 -3.62
N ARG B 60 25.29 -1.73 -2.49
CA ARG B 60 26.18 -2.54 -1.66
C ARG B 60 25.44 -3.67 -0.90
N ALA B 61 24.12 -3.55 -0.72
CA ALA B 61 23.27 -4.52 -0.04
C ALA B 61 23.11 -5.83 -0.85
N GLN B 62 22.72 -6.90 -0.16
CA GLN B 62 22.45 -8.22 -0.71
C GLN B 62 20.94 -8.34 -0.88
N ARG B 63 20.53 -8.93 -2.01
CA ARG B 63 19.12 -9.13 -2.37
C ARG B 63 18.92 -10.62 -2.69
N ILE B 64 18.15 -11.32 -1.84
CA ILE B 64 17.92 -12.77 -1.98
C ILE B 64 16.43 -13.09 -2.04
N LYS B 65 16.04 -13.94 -3.02
CA LYS B 65 14.67 -14.40 -3.16
C LYS B 65 14.43 -15.50 -2.13
N ALA B 66 13.21 -15.57 -1.60
CA ALA B 66 12.79 -16.56 -0.62
C ALA B 66 11.43 -17.08 -1.07
N SER B 67 11.39 -18.34 -1.51
CA SER B 67 10.19 -18.98 -2.06
C SER B 67 9.40 -19.87 -1.09
N LYS B 68 9.94 -20.11 0.11
CA LYS B 68 9.29 -20.93 1.13
C LYS B 68 9.32 -20.27 2.51
N SER B 69 8.20 -20.38 3.23
CA SER B 69 8.04 -19.81 4.58
C SER B 69 7.15 -20.72 5.44
N PHE B 70 7.46 -20.81 6.73
CA PHE B 70 6.79 -21.68 7.67
C PHE B 70 6.34 -20.94 8.91
N ARG B 71 5.02 -20.79 9.06
CA ARG B 71 4.41 -20.09 10.20
C ARG B 71 4.23 -21.04 11.37
N HIS B 72 4.24 -20.50 12.60
CA HIS B 72 4.01 -21.28 13.82
C HIS B 72 2.64 -21.95 13.70
N PRO B 73 2.54 -23.28 13.97
CA PRO B 73 1.24 -23.97 13.79
C PRO B 73 0.09 -23.38 14.59
N GLY B 74 0.45 -22.73 15.70
CA GLY B 74 -0.49 -22.10 16.63
C GLY B 74 -0.85 -20.69 16.30
N TYR B 75 -0.36 -20.16 15.14
CA TYR B 75 -0.66 -18.79 14.74
C TYR B 75 -2.12 -18.59 14.38
N SER B 76 -2.72 -17.53 14.95
CA SER B 76 -4.11 -17.16 14.70
C SER B 76 -4.17 -15.79 14.06
N THR B 77 -4.84 -15.70 12.90
CA THR B 77 -5.03 -14.44 12.15
C THR B 77 -5.97 -13.48 12.91
N GLN B 78 -6.88 -14.05 13.72
CA GLN B 78 -7.89 -13.34 14.51
C GLN B 78 -7.39 -12.79 15.84
N THR B 79 -6.58 -13.54 16.61
CA THR B 79 -6.10 -13.06 17.91
C THR B 79 -4.60 -12.68 17.92
N HIS B 80 -3.87 -13.02 16.84
CA HIS B 80 -2.43 -12.74 16.65
C HIS B 80 -1.50 -13.43 17.66
N VAL B 81 -1.95 -14.57 18.21
CA VAL B 81 -1.15 -15.39 19.12
C VAL B 81 -0.17 -16.19 18.24
N ASN B 82 1.07 -16.43 18.75
CA ASN B 82 2.13 -17.16 18.05
C ASN B 82 2.49 -16.50 16.73
N ASP B 83 2.72 -15.18 16.79
CA ASP B 83 3.02 -14.39 15.62
C ASP B 83 4.50 -14.44 15.25
N LEU B 84 4.93 -15.59 14.71
CA LEU B 84 6.29 -15.80 14.24
C LEU B 84 6.32 -16.77 13.06
N MET B 85 7.28 -16.55 12.16
CA MET B 85 7.43 -17.30 10.94
C MET B 85 8.90 -17.36 10.53
N LEU B 86 9.30 -18.52 10.00
CA LEU B 86 10.64 -18.74 9.49
C LEU B 86 10.58 -18.67 7.98
N VAL B 87 11.45 -17.84 7.40
CA VAL B 87 11.56 -17.60 5.98
C VAL B 87 12.87 -18.26 5.50
N LYS B 88 12.74 -19.18 4.54
CA LYS B 88 13.87 -19.92 3.96
C LYS B 88 14.38 -19.22 2.68
N LEU B 89 15.62 -18.71 2.72
CA LEU B 89 16.29 -18.06 1.59
C LEU B 89 16.62 -19.08 0.51
N ASN B 90 16.39 -18.74 -0.78
CA ASN B 90 16.65 -19.64 -1.92
C ASN B 90 18.14 -19.94 -2.14
N SER B 91 19.01 -19.05 -1.63
CA SER B 91 20.46 -19.17 -1.64
C SER B 91 21.00 -18.59 -0.33
N GLN B 92 22.18 -19.06 0.10
CA GLN B 92 22.81 -18.64 1.34
C GLN B 92 23.21 -17.18 1.38
N ALA B 93 22.91 -16.51 2.50
CA ALA B 93 23.30 -15.13 2.77
C ALA B 93 24.81 -15.13 3.02
N ARG B 94 25.54 -14.24 2.35
CA ARG B 94 27.00 -14.14 2.53
C ARG B 94 27.26 -13.28 3.80
N LEU B 95 27.85 -13.92 4.83
CA LEU B 95 28.20 -13.25 6.08
C LEU B 95 29.36 -12.31 5.84
N SER B 96 29.22 -11.08 6.33
CA SER B 96 30.21 -10.02 6.14
C SER B 96 30.24 -9.11 7.38
N SER B 97 30.86 -7.92 7.24
CA SER B 97 30.92 -6.91 8.29
C SER B 97 29.56 -6.23 8.44
N MET B 98 28.69 -6.38 7.42
CA MET B 98 27.35 -5.81 7.37
C MET B 98 26.23 -6.87 7.44
N VAL B 99 26.60 -8.16 7.39
CA VAL B 99 25.66 -9.30 7.46
C VAL B 99 26.16 -10.28 8.53
N LYS B 100 25.44 -10.38 9.66
CA LYS B 100 25.75 -11.27 10.79
C LYS B 100 24.51 -11.96 11.35
N LYS B 101 24.69 -13.14 11.95
CA LYS B 101 23.60 -13.90 12.57
C LYS B 101 23.21 -13.26 13.91
N VAL B 102 21.90 -13.18 14.20
CA VAL B 102 21.40 -12.66 15.48
C VAL B 102 21.67 -13.68 16.60
N ARG B 103 21.86 -13.18 17.82
CA ARG B 103 22.05 -14.05 18.98
C ARG B 103 20.66 -14.31 19.55
N LEU B 104 20.22 -15.56 19.43
CA LEU B 104 18.94 -16.03 19.94
C LEU B 104 19.01 -16.11 21.47
N PRO B 105 17.91 -15.90 22.21
CA PRO B 105 18.02 -15.91 23.68
C PRO B 105 18.02 -17.28 24.34
N SER B 106 18.55 -17.32 25.56
CA SER B 106 18.52 -18.53 26.38
C SER B 106 17.61 -18.27 27.59
N ARG B 107 17.32 -16.98 27.85
CA ARG B 107 16.53 -16.52 28.98
C ARG B 107 15.56 -15.40 28.56
N CYS B 108 14.50 -15.19 29.36
CA CYS B 108 13.52 -14.12 29.18
C CYS B 108 13.98 -12.94 30.04
N GLU B 109 14.23 -11.78 29.44
CA GLU B 109 14.63 -10.58 30.16
C GLU B 109 13.49 -10.04 31.00
N PRO B 110 13.76 -9.64 32.25
CA PRO B 110 12.68 -9.17 33.13
C PRO B 110 12.13 -7.79 32.78
N PRO B 111 10.95 -7.39 33.34
CA PRO B 111 10.43 -6.03 33.11
C PRO B 111 11.42 -4.97 33.62
N GLY B 112 11.48 -3.84 32.92
CA GLY B 112 12.39 -2.75 33.24
C GLY B 112 13.70 -2.77 32.48
N THR B 113 13.98 -3.84 31.71
CA THR B 113 15.19 -3.99 30.91
C THR B 113 15.10 -3.05 29.70
N THR B 114 16.18 -2.30 29.43
CA THR B 114 16.28 -1.39 28.29
C THR B 114 16.65 -2.21 27.06
N CYS B 115 15.87 -2.00 25.99
CA CYS B 115 15.98 -2.68 24.71
C CYS B 115 15.99 -1.67 23.58
N THR B 116 16.25 -2.14 22.34
CA THR B 116 16.18 -1.33 21.12
C THR B 116 15.32 -2.03 20.08
N VAL B 117 14.41 -1.27 19.48
CA VAL B 117 13.59 -1.72 18.36
C VAL B 117 14.03 -0.94 17.10
N SER B 118 14.19 -1.63 15.96
CA SER B 118 14.67 -1.00 14.75
C SER B 118 13.84 -1.37 13.49
N GLY B 119 13.83 -0.47 12.51
CA GLY B 119 13.06 -0.71 11.30
C GLY B 119 12.99 0.44 10.32
N TRP B 120 12.42 0.14 9.14
CA TRP B 120 12.24 1.07 8.03
C TRP B 120 10.77 1.52 7.89
N GLY B 121 9.98 1.28 8.94
CA GLY B 121 8.57 1.67 8.96
C GLY B 121 8.38 3.16 9.08
N THR B 122 7.14 3.63 8.97
CA THR B 122 6.82 5.06 9.05
C THR B 122 7.35 5.70 10.35
N THR B 123 7.87 6.94 10.22
CA THR B 123 8.39 7.69 11.39
C THR B 123 7.34 8.63 11.97
N THR B 124 6.15 8.68 11.37
CA THR B 124 5.00 9.49 11.79
C THR B 124 3.73 8.65 11.74
N SER B 125 2.69 9.08 12.47
CA SER B 125 1.37 8.42 12.51
C SER B 125 0.32 9.42 13.01
N PRO B 126 -0.88 9.51 12.37
CA PRO B 126 -1.38 8.69 11.25
C PRO B 126 -0.75 9.02 9.88
N ASP B 127 -0.09 10.19 9.72
CA ASP B 127 0.61 10.56 8.47
C ASP B 127 1.74 9.58 8.14
N VAL B 128 1.90 9.20 6.87
CA VAL B 128 2.93 8.23 6.46
C VAL B 128 4.23 8.92 6.03
N THR B 129 5.37 8.52 6.64
CA THR B 129 6.71 9.04 6.32
C THR B 129 7.71 7.90 6.34
N PHE B 130 7.92 7.24 5.19
CA PHE B 130 8.85 6.14 5.05
C PHE B 130 10.32 6.58 4.90
N PRO B 131 11.22 6.21 5.84
CA PRO B 131 12.63 6.59 5.69
C PRO B 131 13.43 5.61 4.80
N SER B 132 14.56 6.07 4.26
CA SER B 132 15.43 5.20 3.48
C SER B 132 16.45 4.55 4.42
N ASP B 133 16.85 5.29 5.49
CA ASP B 133 17.78 4.82 6.53
C ASP B 133 17.08 4.14 7.70
N LEU B 134 17.70 3.08 8.21
CA LEU B 134 17.20 2.27 9.34
C LEU B 134 17.12 3.13 10.59
N MET B 135 15.93 3.15 11.22
CA MET B 135 15.65 3.94 12.43
C MET B 135 15.70 3.08 13.69
N CYS B 136 16.16 3.67 14.82
CA CYS B 136 16.34 3.07 16.13
C CYS B 136 15.57 3.85 17.22
N VAL B 137 15.13 3.16 18.26
CA VAL B 137 14.48 3.72 19.44
C VAL B 137 14.67 2.77 20.60
N ASP B 138 14.93 3.33 21.81
CA ASP B 138 15.11 2.56 23.03
C ASP B 138 13.84 2.54 23.83
N VAL B 139 13.41 1.32 24.19
CA VAL B 139 12.19 1.06 24.94
C VAL B 139 12.52 0.14 26.12
N LYS B 140 11.71 0.20 27.19
CA LYS B 140 11.89 -0.67 28.35
C LYS B 140 10.78 -1.72 28.35
N LEU B 141 11.11 -2.95 28.80
CA LEU B 141 10.12 -4.03 28.89
C LEU B 141 9.12 -3.73 29.98
N ILE B 142 7.83 -3.98 29.67
CA ILE B 142 6.71 -3.73 30.57
C ILE B 142 6.16 -5.07 31.05
N SER B 143 5.93 -5.19 32.36
CA SER B 143 5.42 -6.41 32.97
C SER B 143 4.05 -6.81 32.39
N PRO B 144 3.75 -8.13 32.25
CA PRO B 144 2.41 -8.53 31.77
C PRO B 144 1.28 -7.94 32.62
N GLN B 145 1.50 -7.78 33.94
CA GLN B 145 0.50 -7.20 34.85
C GLN B 145 0.15 -5.76 34.46
N ASP B 146 1.17 -4.93 34.14
CA ASP B 146 0.98 -3.54 33.73
C ASP B 146 0.42 -3.44 32.32
N CYS B 147 0.85 -4.33 31.41
CA CYS B 147 0.38 -4.35 30.01
C CYS B 147 -1.09 -4.81 29.90
N THR B 148 -1.54 -5.69 30.81
CA THR B 148 -2.93 -6.18 30.85
C THR B 148 -3.89 -5.04 31.22
N LYS B 149 -3.42 -4.06 32.03
CA LYS B 149 -4.19 -2.87 32.40
C LYS B 149 -4.55 -2.07 31.12
N VAL B 150 -3.78 -2.27 30.04
CA VAL B 150 -3.99 -1.59 28.76
C VAL B 150 -4.77 -2.45 27.76
N TYR B 151 -4.21 -3.63 27.36
CA TYR B 151 -4.78 -4.47 26.32
C TYR B 151 -5.69 -5.62 26.79
N LYS B 152 -5.77 -5.88 28.11
CA LYS B 152 -6.65 -6.87 28.74
C LYS B 152 -6.63 -8.27 28.08
N ASP B 153 -7.81 -8.78 27.60
CA ASP B 153 -8.00 -10.12 27.00
C ASP B 153 -7.20 -10.38 25.72
N LEU B 154 -6.59 -9.35 25.12
CA LEU B 154 -5.79 -9.49 23.89
C LEU B 154 -4.45 -10.19 24.11
N LEU B 155 -3.86 -10.00 25.31
CA LEU B 155 -2.55 -10.55 25.66
C LEU B 155 -2.55 -12.02 25.99
N GLU B 156 -1.44 -12.66 25.61
CA GLU B 156 -1.11 -14.05 25.92
C GLU B 156 0.29 -14.05 26.55
N ASN B 157 0.61 -15.12 27.31
CA ASN B 157 1.88 -15.29 28.02
C ASN B 157 3.12 -15.27 27.08
N SER B 158 2.94 -15.52 25.76
CA SER B 158 4.00 -15.49 24.75
C SER B 158 4.15 -14.12 24.04
N MET B 159 3.41 -13.11 24.51
CA MET B 159 3.50 -11.74 23.99
C MET B 159 4.28 -10.88 25.00
N LEU B 160 5.20 -10.06 24.52
CA LEU B 160 6.05 -9.18 25.31
C LEU B 160 5.70 -7.72 25.00
N CYS B 161 5.54 -6.91 26.04
CA CYS B 161 5.24 -5.48 25.90
C CYS B 161 6.47 -4.63 26.19
N ALA B 162 6.58 -3.52 25.45
CA ALA B 162 7.67 -2.56 25.59
C ALA B 162 7.22 -1.14 25.24
N GLY B 163 7.86 -0.18 25.89
CA GLY B 163 7.62 1.24 25.70
C GLY B 163 8.35 2.09 26.73
N ILE B 164 8.00 3.38 26.78
CA ILE B 164 8.54 4.37 27.73
C ILE B 164 7.32 5.10 28.34
N PRO B 165 7.24 5.27 29.69
CA PRO B 165 6.07 5.96 30.27
C PRO B 165 5.88 7.38 29.73
N ASP B 166 4.62 7.74 29.42
CA ASP B 166 4.20 9.06 28.89
C ASP B 166 4.98 9.48 27.63
N SER B 167 5.32 8.49 26.77
CA SER B 167 6.13 8.70 25.59
C SER B 167 5.57 8.07 24.33
N LYS B 168 5.83 8.75 23.20
CA LYS B 168 5.45 8.36 21.84
C LYS B 168 6.40 7.27 21.28
N LYS B 169 7.57 7.03 21.94
CA LYS B 169 8.61 6.06 21.54
C LYS B 169 8.01 4.69 21.27
N ASN B 170 8.10 4.21 20.02
CA ASN B 170 7.47 2.95 19.60
C ASN B 170 7.82 2.52 18.17
N ALA B 171 7.29 1.36 17.77
CA ALA B 171 7.38 0.80 16.43
C ALA B 171 6.07 1.20 15.69
N CYS B 172 6.03 1.07 14.37
CA CYS B 172 4.85 1.41 13.55
C CYS B 172 4.84 0.57 12.25
N ASN B 173 3.84 0.78 11.39
CA ASN B 173 3.62 0.11 10.10
C ASN B 173 4.88 0.09 9.27
N GLY B 174 5.35 -1.13 8.96
CA GLY B 174 6.57 -1.39 8.20
C GLY B 174 7.65 -2.02 9.05
N ASP B 175 7.57 -1.83 10.38
CA ASP B 175 8.51 -2.37 11.35
C ASP B 175 8.17 -3.80 11.75
N SER B 176 6.90 -4.24 11.51
CA SER B 176 6.39 -5.59 11.77
C SER B 176 7.39 -6.68 11.43
N GLY B 177 7.60 -7.60 12.37
CA GLY B 177 8.53 -8.72 12.24
C GLY B 177 9.98 -8.36 12.56
N GLY B 178 10.22 -7.09 12.87
CA GLY B 178 11.54 -6.56 13.18
C GLY B 178 12.03 -6.84 14.59
N PRO B 179 13.37 -6.71 14.82
CA PRO B 179 13.92 -7.05 16.15
C PRO B 179 13.75 -6.06 17.29
N LEU B 180 13.61 -6.63 18.48
CA LEU B 180 13.64 -5.99 19.78
C LEU B 180 14.81 -6.70 20.46
N VAL B 181 15.93 -6.01 20.60
CA VAL B 181 17.15 -6.57 21.16
C VAL B 181 17.42 -5.98 22.53
N CYS B 182 17.62 -6.86 23.54
CA CYS B 182 17.91 -6.50 24.92
C CYS B 182 19.14 -7.23 25.34
N ARG B 183 20.07 -6.50 25.96
CA ARG B 183 21.31 -6.99 26.52
C ARG B 183 22.06 -7.99 25.62
N GLY B 184 22.11 -7.69 24.32
CA GLY B 184 22.81 -8.49 23.32
C GLY B 184 22.03 -9.63 22.67
N THR B 185 20.80 -9.93 23.18
CA THR B 185 19.97 -11.01 22.63
C THR B 185 18.66 -10.51 22.02
N LEU B 186 18.14 -11.26 21.04
CA LEU B 186 16.84 -11.00 20.42
C LEU B 186 15.75 -11.41 21.44
N GLN B 187 14.96 -10.45 21.94
CA GLN B 187 13.92 -10.78 22.91
C GLN B 187 12.52 -10.75 22.30
N GLY B 188 12.34 -9.96 21.23
CA GLY B 188 11.06 -9.83 20.57
C GLY B 188 11.10 -9.53 19.10
N LEU B 189 9.95 -9.75 18.44
CA LEU B 189 9.65 -9.49 17.04
C LEU B 189 8.42 -8.59 17.07
N VAL B 190 8.44 -7.45 16.32
CA VAL B 190 7.33 -6.49 16.26
C VAL B 190 6.06 -7.24 15.77
N SER B 191 5.01 -7.23 16.59
CA SER B 191 3.78 -7.93 16.25
C SER B 191 2.63 -6.97 16.00
N TRP B 192 2.27 -6.17 17.01
CA TRP B 192 1.18 -5.20 16.88
C TRP B 192 1.29 -4.07 17.88
N GLY B 193 0.49 -3.04 17.67
CA GLY B 193 0.42 -1.85 18.50
C GLY B 193 -0.81 -1.06 18.16
N THR B 194 -0.83 0.21 18.58
CA THR B 194 -1.98 1.07 18.33
C THR B 194 -1.92 1.76 16.97
N PHE B 195 -3.09 2.26 16.53
CA PHE B 195 -3.23 3.08 15.34
C PHE B 195 -4.09 4.28 15.73
N PRO B 196 -3.56 5.53 15.68
CA PRO B 196 -2.18 5.88 15.30
C PRO B 196 -1.13 5.30 16.24
N CYS B 197 0.07 5.06 15.72
CA CYS B 197 1.21 4.56 16.49
C CYS B 197 1.68 5.63 17.44
N GLY B 198 2.47 5.21 18.43
CA GLY B 198 3.10 6.08 19.41
C GLY B 198 2.14 6.84 20.31
N GLN B 199 1.12 6.14 20.80
CA GLN B 199 0.17 6.77 21.72
C GLN B 199 0.77 6.60 23.13
N PRO B 200 0.97 7.70 23.90
CA PRO B 200 1.57 7.56 25.25
C PRO B 200 0.84 6.58 26.17
N ASN B 201 1.64 5.74 26.85
CA ASN B 201 1.21 4.72 27.82
C ASN B 201 0.46 3.54 27.16
N ASP B 202 0.51 3.44 25.81
CA ASP B 202 -0.02 2.33 25.05
C ASP B 202 1.19 1.60 24.47
N PRO B 203 1.65 0.51 25.12
CA PRO B 203 2.88 -0.16 24.65
C PRO B 203 2.80 -0.86 23.30
N GLY B 204 3.97 -1.25 22.79
CA GLY B 204 4.11 -2.04 21.58
C GLY B 204 4.12 -3.50 21.98
N VAL B 205 3.43 -4.36 21.24
CA VAL B 205 3.34 -5.78 21.52
C VAL B 205 4.26 -6.56 20.57
N TYR B 206 5.07 -7.45 21.15
CA TYR B 206 6.08 -8.26 20.48
C TYR B 206 5.89 -9.74 20.74
N THR B 207 6.34 -10.60 19.81
CA THR B 207 6.35 -12.04 20.03
C THR B 207 7.56 -12.30 20.92
N GLN B 208 7.35 -12.90 22.12
CA GLN B 208 8.41 -13.20 23.08
C GLN B 208 9.23 -14.40 22.58
N VAL B 209 10.40 -14.12 21.96
CA VAL B 209 11.27 -15.10 21.29
C VAL B 209 11.74 -16.23 22.25
N CYS B 210 12.02 -15.92 23.53
CA CYS B 210 12.47 -16.90 24.55
C CYS B 210 11.51 -18.07 24.79
N LYS B 211 10.24 -17.96 24.33
CA LYS B 211 9.20 -19.01 24.49
C LYS B 211 9.09 -19.91 23.25
N PHE B 212 9.91 -19.66 22.19
CA PHE B 212 9.82 -20.37 20.91
C PHE B 212 11.12 -20.90 20.36
N THR B 213 12.19 -20.92 21.16
CA THR B 213 13.51 -21.34 20.68
C THR B 213 13.54 -22.81 20.24
N LYS B 214 12.71 -23.67 20.85
CA LYS B 214 12.60 -25.09 20.47
C LYS B 214 11.98 -25.20 19.08
N TRP B 215 10.85 -24.49 18.85
CA TRP B 215 10.17 -24.46 17.56
C TRP B 215 11.08 -23.90 16.46
N ILE B 216 11.81 -22.81 16.74
CA ILE B 216 12.74 -22.19 15.79
C ILE B 216 13.79 -23.21 15.31
N ASN B 217 14.48 -23.86 16.27
CA ASN B 217 15.52 -24.86 16.00
C ASN B 217 14.97 -26.13 15.34
N ASP B 218 13.81 -26.62 15.81
CA ASP B 218 13.13 -27.80 15.27
C ASP B 218 12.66 -27.60 13.81
N THR B 219 12.03 -26.44 13.51
CA THR B 219 11.51 -26.13 12.17
C THR B 219 12.64 -25.98 11.16
N MET B 220 13.76 -25.34 11.56
CA MET B 220 14.95 -25.16 10.73
C MET B 220 15.58 -26.51 10.40
N LYS B 221 15.59 -27.46 11.37
CA LYS B 221 16.14 -28.79 11.18
C LYS B 221 15.25 -29.62 10.25
N LYS B 222 13.91 -29.52 10.42
CA LYS B 222 12.92 -30.25 9.61
C LYS B 222 13.04 -29.94 8.11
N HIS B 223 13.36 -28.69 7.74
CA HIS B 223 13.49 -28.25 6.35
C HIS B 223 14.95 -27.90 5.99
N ARG B 224 15.67 -28.85 5.34
CA ARG B 224 17.09 -28.75 4.96
C ARG B 224 18.00 -28.40 6.16
N ILE C 1 13.01 19.33 -22.84
CA ILE C 1 13.88 19.37 -21.65
C ILE C 1 14.47 20.77 -21.44
N ILE C 2 14.42 21.27 -20.19
CA ILE C 2 14.91 22.60 -19.83
C ILE C 2 16.29 22.51 -19.17
N ASP C 3 17.20 23.45 -19.58
CA ASP C 3 18.59 23.62 -19.13
C ASP C 3 19.45 22.37 -19.38
N GLY C 4 19.14 21.66 -20.46
CA GLY C 4 19.81 20.43 -20.86
C GLY C 4 20.89 20.64 -21.90
N ALA C 5 21.11 19.60 -22.73
CA ALA C 5 22.09 19.57 -23.83
C ALA C 5 21.73 18.39 -24.75
N PRO C 6 22.08 18.41 -26.07
CA PRO C 6 21.75 17.24 -26.91
C PRO C 6 22.43 15.98 -26.40
N CYS C 7 21.74 14.82 -26.49
CA CYS C 7 22.31 13.54 -26.04
C CYS C 7 23.42 13.16 -26.98
N ALA C 8 24.43 12.44 -26.48
CA ALA C 8 25.52 11.94 -27.33
C ALA C 8 24.90 10.92 -28.30
N ARG C 9 25.24 11.01 -29.60
CA ARG C 9 24.63 10.17 -30.64
C ARG C 9 24.80 8.66 -30.38
N GLY C 10 23.67 7.96 -30.42
CA GLY C 10 23.59 6.52 -30.22
C GLY C 10 23.62 6.01 -28.79
N SER C 11 23.48 6.93 -27.80
CA SER C 11 23.51 6.57 -26.39
C SER C 11 22.13 6.28 -25.79
N HIS C 12 21.05 6.48 -26.58
CA HIS C 12 19.66 6.23 -26.17
C HIS C 12 18.91 5.34 -27.20
N PRO C 13 19.42 4.12 -27.54
CA PRO C 13 18.74 3.29 -28.56
C PRO C 13 17.38 2.70 -28.14
N TRP C 14 17.05 2.80 -26.84
CA TRP C 14 15.80 2.32 -26.26
C TRP C 14 14.75 3.43 -26.18
N GLN C 15 15.14 4.67 -26.52
CA GLN C 15 14.25 5.83 -26.53
C GLN C 15 13.40 5.78 -27.79
N VAL C 16 12.08 5.99 -27.62
CA VAL C 16 11.14 6.05 -28.74
C VAL C 16 10.31 7.34 -28.63
N ALA C 17 9.61 7.69 -29.71
CA ALA C 17 8.70 8.81 -29.79
C ALA C 17 7.33 8.31 -30.24
N LEU C 18 6.27 8.79 -29.60
CA LEU C 18 4.89 8.46 -29.94
C LEU C 18 4.32 9.68 -30.66
N LEU C 19 3.89 9.51 -31.91
CA LEU C 19 3.38 10.60 -32.73
C LEU C 19 1.91 10.43 -33.09
N SER C 20 1.20 11.56 -33.15
CA SER C 20 -0.20 11.65 -33.56
C SER C 20 -0.19 12.53 -34.78
N GLY C 21 -0.42 11.85 -35.89
CA GLY C 21 -0.31 12.34 -37.24
C GLY C 21 1.15 12.08 -37.55
N ASN C 22 1.95 13.10 -37.31
CA ASN C 22 3.40 13.21 -37.48
C ASN C 22 3.93 14.29 -36.50
N GLN C 23 3.11 14.60 -35.48
CA GLN C 23 3.39 15.54 -34.40
C GLN C 23 3.73 14.75 -33.13
N LEU C 24 4.78 15.17 -32.43
CA LEU C 24 5.22 14.56 -31.18
C LEU C 24 4.12 14.64 -30.13
N HIS C 25 3.76 13.49 -29.56
CA HIS C 25 2.73 13.40 -28.54
C HIS C 25 3.39 13.11 -27.20
N CYS C 26 4.25 12.07 -27.16
CA CYS C 26 4.92 11.60 -25.96
C CYS C 26 6.24 10.93 -26.29
N GLY C 27 7.05 10.74 -25.26
CA GLY C 27 8.27 9.94 -25.30
C GLY C 27 7.89 8.53 -24.91
N GLY C 28 8.89 7.67 -24.80
CA GLY C 28 8.68 6.28 -24.41
C GLY C 28 9.95 5.47 -24.42
N VAL C 29 9.85 4.20 -24.01
CA VAL C 29 10.96 3.26 -23.98
C VAL C 29 10.58 1.94 -24.62
N LEU C 30 11.53 1.32 -25.32
CA LEU C 30 11.29 0.02 -25.94
C LEU C 30 11.67 -1.07 -24.93
N VAL C 31 10.67 -1.87 -24.53
CA VAL C 31 10.86 -2.97 -23.58
C VAL C 31 11.41 -4.16 -24.36
N ASN C 32 10.72 -4.52 -25.45
CA ASN C 32 11.10 -5.61 -26.34
C ASN C 32 10.56 -5.33 -27.76
N GLU C 33 10.81 -6.24 -28.71
CA GLU C 33 10.42 -6.15 -30.10
C GLU C 33 8.95 -5.80 -30.34
N ARG C 34 8.05 -6.17 -29.43
CA ARG C 34 6.61 -5.93 -29.58
C ARG C 34 6.02 -4.88 -28.62
N TRP C 35 6.80 -4.41 -27.61
CA TRP C 35 6.26 -3.50 -26.61
C TRP C 35 7.07 -2.24 -26.32
N VAL C 36 6.34 -1.15 -26.08
CA VAL C 36 6.84 0.16 -25.71
C VAL C 36 6.15 0.51 -24.37
N LEU C 37 6.92 1.06 -23.43
CA LEU C 37 6.44 1.51 -22.12
C LEU C 37 6.42 3.05 -22.13
N THR C 38 5.32 3.64 -21.65
CA THR C 38 5.11 5.08 -21.61
C THR C 38 4.15 5.46 -20.47
N ALA C 39 3.75 6.74 -20.37
CA ALA C 39 2.80 7.20 -19.37
C ALA C 39 1.36 6.88 -19.84
N ALA C 40 0.46 6.69 -18.89
CA ALA C 40 -0.95 6.40 -19.18
C ALA C 40 -1.69 7.62 -19.71
N HIS C 41 -1.24 8.84 -19.34
CA HIS C 41 -1.85 10.08 -19.82
C HIS C 41 -1.59 10.33 -21.32
N CYS C 42 -0.69 9.51 -21.93
CA CYS C 42 -0.31 9.50 -23.35
C CYS C 42 -1.26 8.64 -24.19
N LYS C 43 -2.33 8.09 -23.55
CA LYS C 43 -3.32 7.23 -24.20
C LYS C 43 -3.91 7.82 -25.47
N MET C 44 -3.95 7.00 -26.53
CA MET C 44 -4.55 7.31 -27.84
C MET C 44 -5.09 5.99 -28.42
N ASN C 45 -5.98 6.10 -29.41
CA ASN C 45 -6.52 4.92 -30.06
C ASN C 45 -5.48 4.30 -31.01
N GLU C 46 -4.69 5.15 -31.67
CA GLU C 46 -3.61 4.76 -32.60
C GLU C 46 -2.32 5.53 -32.27
N TYR C 47 -1.17 4.98 -32.63
CA TYR C 47 0.15 5.58 -32.39
C TYR C 47 1.07 5.35 -33.57
N THR C 48 1.97 6.30 -33.81
CA THR C 48 3.03 6.15 -34.80
C THR C 48 4.29 6.15 -33.93
N VAL C 49 5.03 5.06 -33.94
CA VAL C 49 6.20 4.92 -33.11
C VAL C 49 7.49 5.16 -33.91
N HIS C 50 8.30 6.14 -33.46
CA HIS C 50 9.59 6.47 -34.04
C HIS C 50 10.68 5.80 -33.20
N LEU C 51 11.62 5.09 -33.84
CA LEU C 51 12.74 4.37 -33.19
C LEU C 51 13.97 4.41 -34.09
N GLY C 52 15.15 4.33 -33.50
CA GLY C 52 16.40 4.25 -34.25
C GLY C 52 17.10 5.53 -34.63
N SER C 53 16.77 6.66 -33.98
CA SER C 53 17.38 7.97 -34.24
C SER C 53 17.20 8.99 -33.12
N ASP C 54 18.24 9.81 -32.92
CA ASP C 54 18.26 10.93 -31.98
C ASP C 54 17.57 12.15 -32.62
N THR C 55 17.46 12.17 -33.95
CA THR C 55 16.82 13.28 -34.69
C THR C 55 15.46 12.85 -35.22
N LEU C 56 14.38 13.51 -34.76
CA LEU C 56 13.01 13.21 -35.17
C LEU C 56 12.78 13.44 -36.64
N GLY C 57 12.15 12.48 -37.28
CA GLY C 57 11.84 12.55 -38.71
C GLY C 57 13.00 12.21 -39.62
N ASP C 58 14.03 11.52 -39.08
CA ASP C 58 15.20 11.06 -39.84
C ASP C 58 14.71 9.85 -40.64
N ARG C 59 15.10 9.73 -41.92
CA ARG C 59 14.63 8.58 -42.70
C ARG C 59 15.45 7.31 -42.42
N ARG C 60 16.48 7.43 -41.55
CA ARG C 60 17.31 6.31 -41.11
C ARG C 60 16.52 5.55 -40.04
N ALA C 61 15.59 6.27 -39.36
CA ALA C 61 14.72 5.80 -38.31
C ALA C 61 13.60 4.85 -38.79
N GLN C 62 13.10 4.02 -37.85
CA GLN C 62 12.02 3.05 -38.02
C GLN C 62 10.72 3.68 -37.52
N ARG C 63 9.65 3.44 -38.27
CA ARG C 63 8.34 3.92 -37.90
C ARG C 63 7.41 2.73 -37.91
N ILE C 64 6.68 2.54 -36.80
CA ILE C 64 5.77 1.40 -36.61
C ILE C 64 4.44 1.87 -36.04
N LYS C 65 3.34 1.37 -36.60
CA LYS C 65 1.98 1.66 -36.15
C LYS C 65 1.72 0.79 -34.94
N ALA C 66 0.96 1.31 -33.97
CA ALA C 66 0.58 0.63 -32.75
C ALA C 66 -0.91 0.88 -32.55
N SER C 67 -1.72 -0.18 -32.69
CA SER C 67 -3.18 -0.12 -32.64
C SER C 67 -3.80 -0.52 -31.29
N LYS C 68 -3.00 -1.06 -30.36
CA LYS C 68 -3.48 -1.48 -29.03
C LYS C 68 -2.57 -0.99 -27.92
N SER C 69 -3.17 -0.54 -26.81
CA SER C 69 -2.47 -0.03 -25.62
C SER C 69 -3.22 -0.39 -24.36
N PHE C 70 -2.48 -0.67 -23.29
CA PHE C 70 -3.02 -1.13 -22.01
C PHE C 70 -2.50 -0.32 -20.86
N ARG C 71 -3.38 0.48 -20.22
CA ARG C 71 -3.04 1.32 -19.08
C ARG C 71 -3.12 0.52 -17.79
N HIS C 72 -2.34 0.93 -16.76
CA HIS C 72 -2.38 0.31 -15.45
C HIS C 72 -3.80 0.42 -14.89
N PRO C 73 -4.38 -0.69 -14.38
CA PRO C 73 -5.78 -0.64 -13.90
C PRO C 73 -6.05 0.40 -12.81
N GLY C 74 -5.01 0.75 -12.07
CA GLY C 74 -5.05 1.73 -11.00
C GLY C 74 -4.81 3.16 -11.43
N TYR C 75 -4.67 3.41 -12.76
CA TYR C 75 -4.43 4.76 -13.25
C TYR C 75 -5.63 5.69 -13.04
N SER C 76 -5.36 6.88 -12.48
CA SER C 76 -6.37 7.91 -12.23
C SER C 76 -6.05 9.15 -13.03
N THR C 77 -7.02 9.61 -13.82
CA THR C 77 -6.92 10.84 -14.64
C THR C 77 -6.89 12.10 -13.75
N GLN C 78 -7.52 12.02 -12.54
CA GLN C 78 -7.61 13.11 -11.57
C GLN C 78 -6.36 13.28 -10.68
N THR C 79 -5.77 12.17 -10.17
CA THR C 79 -4.62 12.29 -9.26
C THR C 79 -3.28 11.87 -9.92
N HIS C 80 -3.33 11.27 -11.14
CA HIS C 80 -2.19 10.82 -11.93
C HIS C 80 -1.36 9.71 -11.24
N VAL C 81 -2.01 8.91 -10.36
CA VAL C 81 -1.38 7.76 -9.71
C VAL C 81 -1.34 6.64 -10.74
N ASN C 82 -0.30 5.78 -10.71
CA ASN C 82 -0.11 4.65 -11.63
C ASN C 82 -0.08 5.10 -13.08
N ASP C 83 0.73 6.13 -13.35
CA ASP C 83 0.84 6.73 -14.67
C ASP C 83 1.81 5.96 -15.57
N LEU C 84 1.38 4.78 -16.03
CA LEU C 84 2.15 3.93 -16.95
C LEU C 84 1.21 3.12 -17.83
N MET C 85 1.68 2.87 -19.05
CA MET C 85 0.92 2.18 -20.09
C MET C 85 1.85 1.42 -21.02
N LEU C 86 1.40 0.23 -21.44
CA LEU C 86 2.12 -0.62 -22.38
C LEU C 86 1.47 -0.45 -23.73
N VAL C 87 2.31 -0.16 -24.73
CA VAL C 87 1.89 0.06 -26.11
C VAL C 87 2.39 -1.13 -26.94
N LYS C 88 1.46 -1.84 -27.61
CA LYS C 88 1.74 -3.02 -28.44
C LYS C 88 1.93 -2.61 -29.91
N LEU C 89 3.15 -2.79 -30.43
CA LEU C 89 3.51 -2.50 -31.82
C LEU C 89 2.84 -3.52 -32.75
N ASN C 90 2.28 -3.06 -33.89
CA ASN C 90 1.58 -3.92 -34.86
C ASN C 90 2.52 -4.91 -35.58
N SER C 91 3.82 -4.59 -35.59
CA SER C 91 4.90 -5.41 -36.15
C SER C 91 6.14 -5.24 -35.28
N GLN C 92 7.02 -6.25 -35.28
CA GLN C 92 8.23 -6.26 -34.46
C GLN C 92 9.23 -5.19 -34.83
N ALA C 93 9.78 -4.52 -33.81
CA ALA C 93 10.85 -3.52 -33.96
C ALA C 93 12.14 -4.26 -34.30
N ARG C 94 12.88 -3.78 -35.31
CA ARG C 94 14.13 -4.42 -35.73
C ARG C 94 15.29 -3.92 -34.88
N LEU C 95 15.85 -4.80 -34.03
CA LEU C 95 16.97 -4.48 -33.15
C LEU C 95 18.23 -4.25 -33.96
N SER C 96 18.91 -3.12 -33.70
CA SER C 96 20.11 -2.70 -34.42
C SER C 96 21.08 -1.99 -33.45
N SER C 97 22.07 -1.27 -34.01
CA SER C 97 23.02 -0.47 -33.23
C SER C 97 22.34 0.80 -32.71
N MET C 98 21.17 1.15 -33.29
CA MET C 98 20.37 2.33 -32.92
C MET C 98 19.03 1.96 -32.28
N VAL C 99 18.67 0.66 -32.26
CA VAL C 99 17.43 0.16 -31.65
C VAL C 99 17.79 -0.98 -30.69
N LYS C 100 17.62 -0.76 -29.38
CA LYS C 100 17.91 -1.75 -28.33
C LYS C 100 16.85 -1.75 -27.24
N LYS C 101 16.68 -2.89 -26.54
CA LYS C 101 15.72 -3.04 -25.44
C LYS C 101 16.28 -2.35 -24.20
N VAL C 102 15.41 -1.65 -23.44
CA VAL C 102 15.80 -0.99 -22.19
C VAL C 102 16.03 -2.04 -21.10
N ARG C 103 16.95 -1.75 -20.16
CA ARG C 103 17.22 -2.61 -19.03
C ARG C 103 16.25 -2.17 -17.95
N LEU C 104 15.29 -3.04 -17.63
CA LEU C 104 14.29 -2.79 -16.60
C LEU C 104 14.94 -2.95 -15.24
N PRO C 105 14.48 -2.24 -14.19
CA PRO C 105 15.14 -2.35 -12.88
C PRO C 105 14.75 -3.56 -12.03
N SER C 106 15.69 -3.97 -11.18
CA SER C 106 15.50 -5.03 -10.22
C SER C 106 15.42 -4.40 -8.81
N ARG C 107 16.00 -3.19 -8.65
CA ARG C 107 16.01 -2.45 -7.38
C ARG C 107 15.58 -0.99 -7.61
N CYS C 108 15.22 -0.31 -6.50
CA CYS C 108 14.85 1.11 -6.50
C CYS C 108 16.09 1.90 -6.10
N GLU C 109 16.53 2.85 -6.94
CA GLU C 109 17.69 3.68 -6.64
C GLU C 109 17.39 4.63 -5.48
N PRO C 110 18.34 4.76 -4.52
CA PRO C 110 18.06 5.64 -3.37
C PRO C 110 18.10 7.14 -3.69
N PRO C 111 17.58 8.03 -2.79
CA PRO C 111 17.68 9.47 -3.06
C PRO C 111 19.15 9.91 -3.12
N GLY C 112 19.44 10.90 -3.96
CA GLY C 112 20.80 11.40 -4.16
C GLY C 112 21.52 10.78 -5.35
N THR C 113 20.92 9.76 -5.98
CA THR C 113 21.50 9.09 -7.16
C THR C 113 21.37 10.02 -8.37
N THR C 114 22.45 10.15 -9.15
CA THR C 114 22.48 10.94 -10.38
C THR C 114 21.89 10.11 -11.51
N CYS C 115 20.92 10.69 -12.21
CA CYS C 115 20.16 10.08 -13.31
C CYS C 115 20.18 11.00 -14.52
N THR C 116 19.68 10.50 -15.67
CA THR C 116 19.54 11.28 -16.90
C THR C 116 18.10 11.12 -17.44
N VAL C 117 17.45 12.25 -17.78
CA VAL C 117 16.11 12.25 -18.39
C VAL C 117 16.22 12.82 -19.82
N SER C 118 15.67 12.10 -20.81
CA SER C 118 15.77 12.46 -22.22
C SER C 118 14.41 12.61 -22.93
N GLY C 119 14.39 13.44 -23.99
CA GLY C 119 13.18 13.71 -24.76
C GLY C 119 13.29 14.78 -25.83
N TRP C 120 12.24 14.87 -26.65
CA TRP C 120 12.10 15.83 -27.76
C TRP C 120 11.10 16.95 -27.43
N GLY C 121 10.77 17.10 -26.15
CA GLY C 121 9.85 18.12 -25.68
C GLY C 121 10.45 19.51 -25.74
N THR C 122 9.62 20.54 -25.50
CA THR C 122 10.05 21.94 -25.55
C THR C 122 11.27 22.22 -24.66
N THR C 123 12.21 23.03 -25.17
CA THR C 123 13.46 23.44 -24.52
C THR C 123 13.30 24.72 -23.70
N THR C 124 12.11 25.36 -23.81
CA THR C 124 11.73 26.61 -23.14
C THR C 124 10.32 26.50 -22.59
N SER C 125 9.97 27.36 -21.62
CA SER C 125 8.67 27.42 -20.98
C SER C 125 8.48 28.79 -20.33
N PRO C 126 7.30 29.44 -20.47
CA PRO C 126 6.07 28.99 -21.17
C PRO C 126 6.15 28.99 -22.71
N ASP C 127 7.14 29.71 -23.30
CA ASP C 127 7.42 29.78 -24.74
C ASP C 127 7.74 28.40 -25.32
N VAL C 128 7.19 28.06 -26.50
CA VAL C 128 7.40 26.74 -27.11
C VAL C 128 8.61 26.70 -28.05
N THR C 129 9.56 25.76 -27.84
CA THR C 129 10.74 25.57 -28.69
C THR C 129 11.02 24.06 -28.83
N PHE C 130 10.45 23.43 -29.87
CA PHE C 130 10.64 22.00 -30.12
C PHE C 130 11.95 21.67 -30.83
N PRO C 131 12.86 20.89 -30.20
CA PRO C 131 14.13 20.55 -30.87
C PRO C 131 14.02 19.35 -31.82
N SER C 132 14.96 19.29 -32.79
CA SER C 132 15.07 18.19 -33.73
C SER C 132 15.84 17.04 -33.06
N ASP C 133 16.97 17.36 -32.40
CA ASP C 133 17.83 16.41 -31.70
C ASP C 133 17.33 16.10 -30.28
N LEU C 134 17.45 14.82 -29.87
CA LEU C 134 17.09 14.32 -28.56
C LEU C 134 17.94 15.03 -27.48
N MET C 135 17.25 15.60 -26.48
CA MET C 135 17.89 16.35 -25.40
C MET C 135 18.02 15.52 -24.13
N CYS C 136 19.09 15.74 -23.38
CA CYS C 136 19.47 15.04 -22.14
C CYS C 136 19.69 16.03 -21.01
N VAL C 137 19.39 15.63 -19.77
CA VAL C 137 19.66 16.47 -18.61
C VAL C 137 19.86 15.59 -17.36
N ASP C 138 20.92 15.88 -16.59
CA ASP C 138 21.22 15.12 -15.40
C ASP C 138 20.54 15.70 -14.18
N VAL C 139 19.78 14.85 -13.49
CA VAL C 139 19.02 15.19 -12.29
C VAL C 139 19.33 14.18 -11.18
N LYS C 140 19.18 14.60 -9.92
CA LYS C 140 19.40 13.72 -8.77
C LYS C 140 18.05 13.35 -8.18
N LEU C 141 17.91 12.10 -7.69
CA LEU C 141 16.67 11.65 -7.08
C LEU C 141 16.45 12.34 -5.74
N ILE C 142 15.22 12.82 -5.53
CA ILE C 142 14.80 13.53 -4.33
C ILE C 142 13.97 12.59 -3.46
N SER C 143 14.30 12.50 -2.17
CA SER C 143 13.60 11.68 -1.20
C SER C 143 12.11 12.07 -1.12
N PRO C 144 11.19 11.11 -0.89
CA PRO C 144 9.77 11.47 -0.75
C PRO C 144 9.55 12.51 0.34
N GLN C 145 10.35 12.48 1.44
CA GLN C 145 10.25 13.46 2.54
C GLN C 145 10.52 14.88 2.05
N ASP C 146 11.56 15.07 1.21
CA ASP C 146 11.91 16.39 0.65
C ASP C 146 10.93 16.83 -0.43
N CYS C 147 10.44 15.88 -1.27
CA CYS C 147 9.50 16.16 -2.34
C CYS C 147 8.10 16.52 -1.79
N THR C 148 7.71 15.96 -0.63
CA THR C 148 6.43 16.22 0.05
C THR C 148 6.39 17.69 0.54
N LYS C 149 7.56 18.25 0.89
CA LYS C 149 7.68 19.66 1.31
C LYS C 149 7.22 20.57 0.16
N VAL C 150 7.26 20.06 -1.09
CA VAL C 150 6.88 20.80 -2.29
C VAL C 150 5.43 20.47 -2.73
N TYR C 151 5.16 19.21 -3.10
CA TYR C 151 3.87 18.81 -3.66
C TYR C 151 2.83 18.24 -2.66
N LYS C 152 3.22 18.00 -1.39
CA LYS C 152 2.35 17.53 -0.29
C LYS C 152 1.47 16.31 -0.63
N ASP C 153 0.12 16.42 -0.49
CA ASP C 153 -0.85 15.34 -0.71
C ASP C 153 -0.91 14.79 -2.16
N LEU C 154 -0.25 15.45 -3.12
CA LEU C 154 -0.24 15.00 -4.52
C LEU C 154 0.58 13.75 -4.77
N LEU C 155 1.69 13.58 -4.03
CA LEU C 155 2.60 12.45 -4.22
C LEU C 155 2.15 11.15 -3.57
N GLU C 156 2.50 10.03 -4.23
CA GLU C 156 2.24 8.65 -3.82
C GLU C 156 3.58 7.90 -3.77
N ASN C 157 3.65 6.79 -3.02
CA ASN C 157 4.85 5.95 -2.86
C ASN C 157 5.41 5.41 -4.19
N SER C 158 4.59 5.34 -5.26
CA SER C 158 4.98 4.86 -6.60
C SER C 158 5.43 6.01 -7.53
N MET C 159 5.54 7.24 -6.97
CA MET C 159 6.02 8.41 -7.71
C MET C 159 7.43 8.69 -7.25
N LEU C 160 8.28 9.05 -8.21
CA LEU C 160 9.68 9.35 -7.98
C LEU C 160 9.95 10.81 -8.39
N CYS C 161 10.64 11.57 -7.52
CA CYS C 161 11.01 12.96 -7.80
C CYS C 161 12.46 13.07 -8.17
N ALA C 162 12.78 13.95 -9.12
CA ALA C 162 14.15 14.19 -9.57
C ALA C 162 14.34 15.65 -10.02
N GLY C 163 15.46 16.23 -9.61
CA GLY C 163 15.86 17.60 -9.93
C GLY C 163 17.24 17.94 -9.40
N ILE C 164 17.58 19.25 -9.47
CA ILE C 164 18.84 19.82 -8.99
C ILE C 164 18.48 21.05 -8.13
N PRO C 165 19.02 21.20 -6.89
CA PRO C 165 18.67 22.38 -6.06
C PRO C 165 19.00 23.71 -6.73
N ASP C 166 18.06 24.69 -6.63
CA ASP C 166 18.14 26.05 -7.19
C ASP C 166 18.46 26.04 -8.70
N SER C 167 17.91 25.03 -9.43
CA SER C 167 18.16 24.85 -10.85
C SER C 167 16.91 24.63 -11.68
N LYS C 168 16.97 25.08 -12.95
CA LYS C 168 15.90 24.95 -13.95
C LYS C 168 15.88 23.54 -14.58
N LYS C 169 16.99 22.77 -14.46
CA LYS C 169 17.17 21.43 -15.02
C LYS C 169 15.97 20.54 -14.73
N ASN C 170 15.17 20.23 -15.78
CA ASN C 170 13.92 19.45 -15.69
C ASN C 170 13.38 18.96 -17.05
N ALA C 171 12.22 18.29 -17.03
CA ALA C 171 11.50 17.82 -18.22
C ALA C 171 10.31 18.76 -18.49
N CYS C 172 9.74 18.71 -19.71
CA CYS C 172 8.62 19.58 -20.10
C CYS C 172 7.71 18.90 -21.12
N ASN C 173 6.66 19.61 -21.59
CA ASN C 173 5.66 19.17 -22.58
C ASN C 173 6.32 18.55 -23.80
N GLY C 174 6.00 17.28 -24.03
CA GLY C 174 6.56 16.49 -25.12
C GLY C 174 7.45 15.37 -24.62
N ASP C 175 8.01 15.54 -23.41
CA ASP C 175 8.90 14.56 -22.77
C ASP C 175 8.13 13.46 -22.03
N SER C 176 6.84 13.72 -21.71
CA SER C 176 5.92 12.80 -21.03
C SER C 176 6.06 11.37 -21.51
N GLY C 177 6.18 10.43 -20.57
CA GLY C 177 6.34 9.01 -20.85
C GLY C 177 7.76 8.59 -21.18
N GLY C 178 8.68 9.54 -21.22
CA GLY C 178 10.08 9.33 -21.54
C GLY C 178 10.93 8.80 -20.38
N PRO C 179 12.12 8.25 -20.70
CA PRO C 179 12.97 7.66 -19.66
C PRO C 179 13.78 8.57 -18.74
N LEU C 180 13.91 8.11 -17.49
CA LEU C 180 14.76 8.61 -16.41
C LEU C 180 15.61 7.38 -16.08
N VAL C 181 16.87 7.39 -16.49
CA VAL C 181 17.80 6.27 -16.35
C VAL C 181 18.89 6.56 -15.29
N CYS C 182 19.06 5.65 -14.32
CA CYS C 182 20.10 5.75 -13.29
C CYS C 182 20.96 4.50 -13.39
N ARG C 183 22.30 4.68 -13.42
CA ARG C 183 23.34 3.64 -13.47
C ARG C 183 23.02 2.44 -14.42
N GLY C 184 22.56 2.75 -15.63
CA GLY C 184 22.24 1.76 -16.66
C GLY C 184 20.84 1.16 -16.68
N THR C 185 19.97 1.52 -15.70
CA THR C 185 18.61 0.97 -15.62
C THR C 185 17.51 2.04 -15.60
N LEU C 186 16.35 1.70 -16.21
CA LEU C 186 15.19 2.58 -16.27
C LEU C 186 14.60 2.74 -14.87
N GLN C 187 14.67 3.94 -14.30
CA GLN C 187 14.11 4.16 -12.96
C GLN C 187 12.77 4.91 -12.96
N GLY C 188 12.53 5.72 -13.99
CA GLY C 188 11.32 6.50 -14.10
C GLY C 188 10.83 6.77 -15.51
N LEU C 189 9.55 7.19 -15.59
CA LEU C 189 8.86 7.62 -16.80
C LEU C 189 8.33 9.00 -16.47
N VAL C 190 8.57 10.01 -17.35
CA VAL C 190 8.11 11.40 -17.16
C VAL C 190 6.58 11.42 -16.98
N SER C 191 6.11 11.93 -15.84
CA SER C 191 4.69 11.95 -15.55
C SER C 191 4.12 13.36 -15.51
N TRP C 192 4.62 14.19 -14.58
CA TRP C 192 4.17 15.57 -14.42
C TRP C 192 5.20 16.46 -13.75
N GLY C 193 4.95 17.75 -13.81
CA GLY C 193 5.79 18.79 -13.23
C GLY C 193 5.05 20.10 -13.21
N THR C 194 5.80 21.19 -13.08
CA THR C 194 5.19 22.52 -13.03
C THR C 194 4.98 23.11 -14.42
N PHE C 195 4.11 24.11 -14.48
CA PHE C 195 3.87 24.92 -15.65
C PHE C 195 3.91 26.39 -15.22
N PRO C 196 4.86 27.22 -15.70
CA PRO C 196 5.93 26.85 -16.65
C PRO C 196 6.90 25.82 -16.06
N CYS C 197 7.50 25.02 -16.97
CA CYS C 197 8.49 24.00 -16.62
C CYS C 197 9.78 24.66 -16.12
N GLY C 198 10.62 23.88 -15.46
CA GLY C 198 11.92 24.33 -14.98
C GLY C 198 11.91 25.42 -13.92
N GLN C 199 11.00 25.30 -12.95
CA GLN C 199 10.96 26.27 -11.85
C GLN C 199 11.94 25.79 -10.76
N PRO C 200 12.93 26.62 -10.34
CA PRO C 200 13.89 26.17 -9.32
C PRO C 200 13.24 25.66 -8.03
N ASN C 201 13.76 24.53 -7.54
CA ASN C 201 13.36 23.81 -6.32
C ASN C 201 11.95 23.16 -6.43
N ASP C 202 11.41 23.09 -7.66
CA ASP C 202 10.15 22.41 -7.95
C ASP C 202 10.52 21.20 -8.81
N PRO C 203 10.66 20.00 -8.19
CA PRO C 203 11.11 18.82 -8.96
C PRO C 203 10.15 18.31 -10.03
N GLY C 204 10.66 17.41 -10.87
CA GLY C 204 9.91 16.70 -11.88
C GLY C 204 9.42 15.39 -11.28
N VAL C 205 8.17 15.03 -11.54
CA VAL C 205 7.56 13.82 -10.99
C VAL C 205 7.51 12.71 -12.06
N TYR C 206 7.97 11.52 -11.69
CA TYR C 206 8.09 10.34 -12.54
C TYR C 206 7.37 9.14 -11.97
N THR C 207 6.94 8.21 -12.83
CA THR C 207 6.36 6.94 -12.39
C THR C 207 7.57 6.07 -12.01
N GLN C 208 7.65 5.61 -10.75
CA GLN C 208 8.75 4.78 -10.25
C GLN C 208 8.60 3.35 -10.82
N VAL C 209 9.36 3.04 -11.89
CA VAL C 209 9.31 1.79 -12.65
C VAL C 209 9.56 0.53 -11.79
N CYS C 210 10.47 0.61 -10.79
CA CYS C 210 10.82 -0.51 -9.89
C CYS C 210 9.61 -1.06 -9.08
N LYS C 211 8.49 -0.32 -9.02
CA LYS C 211 7.27 -0.71 -8.29
C LYS C 211 6.24 -1.39 -9.19
N PHE C 212 6.54 -1.54 -10.49
CA PHE C 212 5.58 -2.07 -11.48
C PHE C 212 6.12 -3.18 -12.39
N THR C 213 7.29 -3.75 -12.08
CA THR C 213 7.91 -4.75 -12.94
C THR C 213 7.06 -6.02 -13.10
N LYS C 214 6.28 -6.39 -12.06
CA LYS C 214 5.39 -7.55 -12.12
C LYS C 214 4.24 -7.28 -13.10
N TRP C 215 3.60 -6.09 -12.99
CA TRP C 215 2.53 -5.68 -13.88
C TRP C 215 3.03 -5.60 -15.34
N ILE C 216 4.23 -5.04 -15.57
CA ILE C 216 4.84 -4.91 -16.90
C ILE C 216 4.96 -6.31 -17.54
N ASN C 217 5.60 -7.26 -16.85
CA ASN C 217 5.82 -8.63 -17.32
C ASN C 217 4.52 -9.43 -17.47
N ASP C 218 3.59 -9.29 -16.50
CA ASP C 218 2.28 -9.95 -16.50
C ASP C 218 1.39 -9.48 -17.67
N THR C 219 1.30 -8.15 -17.90
CA THR C 219 0.48 -7.56 -18.97
C THR C 219 0.99 -7.95 -20.36
N MET C 220 2.32 -7.97 -20.54
CA MET C 220 2.97 -8.38 -21.78
C MET C 220 2.68 -9.85 -22.10
N LYS C 221 2.66 -10.70 -21.06
CA LYS C 221 2.36 -12.14 -21.21
C LYS C 221 0.89 -12.35 -21.55
N LYS C 222 -0.02 -11.61 -20.89
CA LYS C 222 -1.47 -11.68 -21.09
C LYS C 222 -1.89 -11.43 -22.54
N HIS C 223 -1.20 -10.47 -23.22
CA HIS C 223 -1.50 -10.11 -24.61
C HIS C 223 -0.39 -10.54 -25.58
N ARG C 224 -0.65 -11.66 -26.27
CA ARG C 224 0.15 -12.36 -27.28
C ARG C 224 1.65 -12.34 -27.01
C1 PGE D . 0.20 3.12 6.93
O1 PGE D . 0.55 1.98 6.17
C2 PGE D . -1.17 3.01 7.53
O2 PGE D . -2.16 3.05 6.51
C3 PGE D . -3.46 3.38 6.99
C4 PGE D . -4.50 2.70 6.14
O4 PGE D . -5.11 1.69 9.49
C6 PGE D . -6.20 1.15 8.76
C5 PGE D . -5.99 1.22 7.27
O3 PGE D . -5.73 2.57 6.85
S SO4 E . -10.77 -8.95 -7.83
O1 SO4 E . -9.44 -8.36 -7.79
O2 SO4 E . -11.64 -8.16 -8.69
O3 SO4 E . -10.71 -10.31 -8.31
O4 SO4 E . -11.32 -8.96 -6.48
S SO4 F . -10.17 -17.53 1.22
O1 SO4 F . -11.56 -17.95 0.96
O2 SO4 F . -9.80 -16.45 0.32
O3 SO4 F . -9.29 -18.67 1.01
O4 SO4 F . -10.06 -17.06 2.60
S SO4 G . -15.28 16.24 -1.27
O1 SO4 G . -14.89 16.24 -2.68
O2 SO4 G . -15.52 17.61 -0.82
O3 SO4 G . -14.20 15.67 -0.45
O4 SO4 G . -16.51 15.46 -1.10
S SO4 H . -12.98 -14.40 -7.76
O1 SO4 H . -13.07 -13.04 -8.27
O2 SO4 H . -13.41 -15.32 -8.80
O3 SO4 H . -13.85 -14.55 -6.59
O4 SO4 H . -11.59 -14.68 -7.37
S SO4 I . -27.27 6.84 19.79
O1 SO4 I . -26.41 7.91 19.31
O2 SO4 I . -28.66 7.07 19.33
O3 SO4 I . -27.26 6.83 21.26
O4 SO4 I . -26.80 5.55 19.28
S SO4 J . -32.42 14.12 -7.28
O1 SO4 J . -32.71 15.29 -8.10
O2 SO4 J . -31.65 13.12 -8.05
O3 SO4 J . -33.68 13.54 -6.82
O4 SO4 J . -31.63 14.54 -6.12
S SO4 K . 23.25 -22.11 -2.04
O1 SO4 K . 23.63 -20.76 -1.61
O2 SO4 K . 23.65 -22.28 -3.43
O3 SO4 K . 23.90 -23.11 -1.19
O4 SO4 K . 21.79 -22.27 -1.96
S SO4 L . 4.81 -21.67 1.03
O1 SO4 L . 5.33 -20.42 0.49
O2 SO4 L . 4.48 -22.60 -0.05
O3 SO4 L . 5.86 -22.28 1.84
O4 SO4 L . 3.59 -21.40 1.80
S SO4 M . 2.57 -22.05 6.44
O1 SO4 M . 2.92 -20.65 6.62
O2 SO4 M . 2.99 -22.51 5.09
O3 SO4 M . 3.31 -22.83 7.41
O4 SO4 M . 1.12 -22.21 6.65
S SO4 N . -7.04 0.68 -21.38
O1 SO4 N . -5.73 1.31 -21.51
O2 SO4 N . -7.61 0.48 -22.71
O3 SO4 N . -6.86 -0.62 -20.75
O4 SO4 N . -7.93 1.53 -20.57
S SO4 O . 5.53 -9.18 -37.10
O1 SO4 O . 6.88 -9.28 -37.67
O2 SO4 O . 4.70 -8.33 -37.94
O3 SO4 O . 5.63 -8.64 -35.76
O4 SO4 O . 4.91 -10.52 -37.03
S SO4 P . 5.65 -11.72 -30.73
O1 SO4 P . 4.23 -11.71 -30.33
O2 SO4 P . 5.80 -11.01 -32.00
O3 SO4 P . 6.08 -13.11 -30.90
O4 SO4 P . 6.46 -11.08 -29.70
S SO4 Q . -7.23 0.24 -27.47
O1 SO4 Q . -6.10 1.15 -27.52
O2 SO4 Q . -8.04 0.45 -28.66
O3 SO4 Q . -6.72 -1.14 -27.45
O4 SO4 Q . -8.05 0.49 -26.27
S SO4 R . -6.87 9.25 -31.10
O1 SO4 R . -6.63 10.67 -31.34
O2 SO4 R . -8.04 8.81 -31.86
O3 SO4 R . -5.70 8.49 -31.55
O4 SO4 R . -7.10 9.04 -29.67
#